data_1XSU
# 
_entry.id   1XSU 
# 
_audit_conform.dict_name       mmcif_pdbx.dic 
_audit_conform.dict_version    5.392 
_audit_conform.dict_location   http://mmcif.pdb.org/dictionaries/ascii/mmcif_pdbx.dic 
# 
loop_
_database_2.database_id 
_database_2.database_code 
_database_2.pdbx_database_accession 
_database_2.pdbx_DOI 
PDB   1XSU         pdb_00001xsu 10.2210/pdb1xsu/pdb 
RCSB  RCSB030727   ?            ?                   
WWPDB D_1000030727 ?            ?                   
# 
loop_
_pdbx_audit_revision_history.ordinal 
_pdbx_audit_revision_history.data_content_type 
_pdbx_audit_revision_history.major_revision 
_pdbx_audit_revision_history.minor_revision 
_pdbx_audit_revision_history.revision_date 
1 'Structure model' 1 0 2004-12-28 
2 'Structure model' 1 1 2008-04-30 
3 'Structure model' 1 2 2011-07-13 
4 'Structure model' 1 3 2022-03-02 
5 'Structure model' 1 4 2024-05-29 
# 
_pdbx_audit_revision_details.ordinal             1 
_pdbx_audit_revision_details.revision_ordinal    1 
_pdbx_audit_revision_details.data_content_type   'Structure model' 
_pdbx_audit_revision_details.provider            repository 
_pdbx_audit_revision_details.type                'Initial release' 
_pdbx_audit_revision_details.description         ? 
_pdbx_audit_revision_details.details             ? 
# 
loop_
_pdbx_audit_revision_group.ordinal 
_pdbx_audit_revision_group.revision_ordinal 
_pdbx_audit_revision_group.data_content_type 
_pdbx_audit_revision_group.group 
1 2 'Structure model' 'Version format compliance' 
2 3 'Structure model' 'Version format compliance' 
3 4 'Structure model' 'Data collection'           
4 4 'Structure model' 'Database references'       
5 4 'Structure model' 'Derived calculations'      
6 5 'Structure model' 'Data collection'           
# 
loop_
_pdbx_audit_revision_category.ordinal 
_pdbx_audit_revision_category.revision_ordinal 
_pdbx_audit_revision_category.data_content_type 
_pdbx_audit_revision_category.category 
1 4 'Structure model' database_2            
2 4 'Structure model' pdbx_nmr_software     
3 4 'Structure model' pdbx_struct_assembly  
4 4 'Structure model' pdbx_struct_oper_list 
5 4 'Structure model' struct_site           
6 5 'Structure model' chem_comp_atom        
7 5 'Structure model' chem_comp_bond        
# 
loop_
_pdbx_audit_revision_item.ordinal 
_pdbx_audit_revision_item.revision_ordinal 
_pdbx_audit_revision_item.data_content_type 
_pdbx_audit_revision_item.item 
1 4 'Structure model' '_database_2.pdbx_DOI'                
2 4 'Structure model' '_database_2.pdbx_database_accession' 
3 4 'Structure model' '_pdbx_nmr_software.name'             
4 4 'Structure model' '_struct_site.pdbx_auth_asym_id'      
5 4 'Structure model' '_struct_site.pdbx_auth_comp_id'      
6 4 'Structure model' '_struct_site.pdbx_auth_seq_id'       
# 
_pdbx_database_status.status_code                     REL 
_pdbx_database_status.entry_id                        1XSU 
_pdbx_database_status.recvd_initial_deposition_date   2004-10-20 
_pdbx_database_status.deposit_site                    RCSB 
_pdbx_database_status.process_site                    PDBJ 
_pdbx_database_status.SG_entry                        . 
_pdbx_database_status.pdb_format_compatible           Y 
_pdbx_database_status.status_code_mr                  ? 
_pdbx_database_status.status_code_sf                  ? 
_pdbx_database_status.status_code_cs                  ? 
_pdbx_database_status.status_code_nmr_data            ? 
_pdbx_database_status.methods_development_category    ? 
# 
loop_
_pdbx_database_related.db_name 
_pdbx_database_related.db_id 
_pdbx_database_related.details 
_pdbx_database_related.content_type 
PDB 1F6X 'Solution structure of wildtype RNase P RNA P4 oligoribonucleotide'                                           unspecified 
PDB 1F78 'Solution structure of wildtype RNase P RNA P4 oligoribonucleotide, complexed with cobalt (III) hexammine'    unspecified 
PDB 1F6Z 'Solution structure of C70U mutant RNase P RNA P4 oligoribonucleotide'                                        unspecified 
PDB 1F79 'Solution structure of C70U mutant RNase P RNA P4 oligoribonucleotide, complexed with cobalt (III) hexammine' unspecified 
PDB 1XST 'U69A mutation'                                                                                               unspecified 
# 
_audit_author.name           'Schmitz, M.' 
_audit_author.pdbx_ordinal   1 
# 
_citation.id                        primary 
_citation.title                     
;Change of RNase P RNA function by single base mutation correlates with perturbation of metal ion binding in P4 as determined by NMR spectroscopy
;
_citation.journal_abbrev            'Nucleic Acids Res.' 
_citation.journal_volume            32 
_citation.page_first                6358 
_citation.page_last                 6366 
_citation.year                      2004 
_citation.journal_id_ASTM           NARHAD 
_citation.country                   UK 
_citation.journal_id_ISSN           0305-1048 
_citation.journal_id_CSD            0389 
_citation.book_publisher            ? 
_citation.pdbx_database_id_PubMed   15576680 
_citation.pdbx_database_id_DOI      10.1093/nar/gkh961 
# 
_citation_author.citation_id        primary 
_citation_author.name               'Schmitz, M.' 
_citation_author.ordinal            1 
_citation_author.identifier_ORCID   ? 
# 
loop_
_entity.id 
_entity.type 
_entity.src_method 
_entity.pdbx_description 
_entity.formula_weight 
_entity.pdbx_number_of_molecules 
_entity.pdbx_ec 
_entity.pdbx_mutation 
_entity.pdbx_fragment 
_entity.details 
1 polymer     syn 'RNA (27-MER)'          8633.143 1 ? 'U69C, C70U' ? ? 
2 non-polymer syn 'COBALT HEXAMMINE(III)' 161.116  1 ? ?            ? ? 
# 
_entity_name_com.entity_id   1 
_entity_name_com.name        'RNase P RNA P4 stem' 
# 
_entity_poly.entity_id                      1 
_entity_poly.type                           polyribonucleotide 
_entity_poly.nstd_linkage                   no 
_entity_poly.nstd_monomer                   no 
_entity_poly.pdbx_seq_one_letter_code       GGAAGCUCGGUCUUCGGACCGGCUUCC 
_entity_poly.pdbx_seq_one_letter_code_can   GGAAGCUCGGUCUUCGGACCGGCUUCC 
_entity_poly.pdbx_strand_id                 A 
_entity_poly.pdbx_target_identifier         ? 
# 
_pdbx_entity_nonpoly.entity_id   2 
_pdbx_entity_nonpoly.name        'COBALT HEXAMMINE(III)' 
_pdbx_entity_nonpoly.comp_id     NCO 
# 
loop_
_entity_poly_seq.entity_id 
_entity_poly_seq.num 
_entity_poly_seq.mon_id 
_entity_poly_seq.hetero 
1 1  G n 
1 2  G n 
1 3  A n 
1 4  A n 
1 5  G n 
1 6  C n 
1 7  U n 
1 8  C n 
1 9  G n 
1 10 G n 
1 11 U n 
1 12 C n 
1 13 U n 
1 14 U n 
1 15 C n 
1 16 G n 
1 17 G n 
1 18 A n 
1 19 C n 
1 20 C n 
1 21 G n 
1 22 G n 
1 23 C n 
1 24 U n 
1 25 U n 
1 26 C n 
1 27 C n 
# 
_pdbx_entity_src_syn.entity_id              1 
_pdbx_entity_src_syn.pdbx_src_id            1 
_pdbx_entity_src_syn.pdbx_alt_source_flag   sample 
_pdbx_entity_src_syn.pdbx_beg_seq_num       ? 
_pdbx_entity_src_syn.pdbx_end_seq_num       ? 
_pdbx_entity_src_syn.organism_scientific    ? 
_pdbx_entity_src_syn.organism_common_name   ? 
_pdbx_entity_src_syn.ncbi_taxonomy_id       ? 
_pdbx_entity_src_syn.details                'enzymatically synthesized from DNA oligonucleotide template ny T7 RNA polymerase' 
# 
loop_
_chem_comp.id 
_chem_comp.type 
_chem_comp.mon_nstd_flag 
_chem_comp.name 
_chem_comp.pdbx_synonyms 
_chem_comp.formula 
_chem_comp.formula_weight 
A   'RNA linking' y "ADENOSINE-5'-MONOPHOSPHATE" ? 'C10 H14 N5 O7 P' 347.221 
C   'RNA linking' y "CYTIDINE-5'-MONOPHOSPHATE"  ? 'C9 H14 N3 O8 P'  323.197 
G   'RNA linking' y "GUANOSINE-5'-MONOPHOSPHATE" ? 'C10 H14 N5 O8 P' 363.221 
NCO non-polymer   . 'COBALT HEXAMMINE(III)'      ? 'Co H18 N6 3'     161.116 
U   'RNA linking' y "URIDINE-5'-MONOPHOSPHATE"   ? 'C9 H13 N2 O9 P'  324.181 
# 
loop_
_pdbx_poly_seq_scheme.asym_id 
_pdbx_poly_seq_scheme.entity_id 
_pdbx_poly_seq_scheme.seq_id 
_pdbx_poly_seq_scheme.mon_id 
_pdbx_poly_seq_scheme.ndb_seq_num 
_pdbx_poly_seq_scheme.pdb_seq_num 
_pdbx_poly_seq_scheme.auth_seq_num 
_pdbx_poly_seq_scheme.pdb_mon_id 
_pdbx_poly_seq_scheme.auth_mon_id 
_pdbx_poly_seq_scheme.pdb_strand_id 
_pdbx_poly_seq_scheme.pdb_ins_code 
_pdbx_poly_seq_scheme.hetero 
A 1 1  G 1  1  1  G G A . n 
A 1 2  G 2  2  2  G G A . n 
A 1 3  A 3  3  3  A A A . n 
A 1 4  A 4  4  4  A A A . n 
A 1 5  G 5  5  5  G G A . n 
A 1 6  C 6  6  6  C C A . n 
A 1 7  U 7  7  7  U U A . n 
A 1 8  C 8  8  8  C C A . n 
A 1 9  G 9  9  9  G G A . n 
A 1 10 G 10 10 10 G G A . n 
A 1 11 U 11 11 11 U U A . n 
A 1 12 C 12 12 12 C C A . n 
A 1 13 U 13 13 13 U U A . n 
A 1 14 U 14 14 14 U U A . n 
A 1 15 C 15 15 15 C C A . n 
A 1 16 G 16 16 16 G G A . n 
A 1 17 G 17 17 17 G G A . n 
A 1 18 A 18 18 18 A A A . n 
A 1 19 C 19 19 19 C C A . n 
A 1 20 C 20 20 20 C C A . n 
A 1 21 G 21 21 21 G G A . n 
A 1 22 G 22 22 22 G G A . n 
A 1 23 C 23 23 23 C C A . n 
A 1 24 U 24 24 24 U U A . n 
A 1 25 U 25 25 25 U U A . n 
A 1 26 C 26 26 26 C C A . n 
A 1 27 C 27 27 27 C C A . n 
# 
_pdbx_nonpoly_scheme.asym_id         B 
_pdbx_nonpoly_scheme.entity_id       2 
_pdbx_nonpoly_scheme.mon_id          NCO 
_pdbx_nonpoly_scheme.ndb_seq_num     1 
_pdbx_nonpoly_scheme.pdb_seq_num     28 
_pdbx_nonpoly_scheme.auth_seq_num    28 
_pdbx_nonpoly_scheme.pdb_mon_id      NCO 
_pdbx_nonpoly_scheme.auth_mon_id     NCO 
_pdbx_nonpoly_scheme.pdb_strand_id   A 
_pdbx_nonpoly_scheme.pdb_ins_code    . 
# 
_exptl.entry_id          1XSU 
_exptl.method            'SOLUTION NMR' 
_exptl.crystals_number   ? 
# 
_exptl_crystal.id                    1 
_exptl_crystal.density_meas          ? 
_exptl_crystal.density_Matthews      ? 
_exptl_crystal.density_percent_sol   ? 
_exptl_crystal.description           ? 
# 
_diffrn.id                     1 
_diffrn.ambient_temp           ? 
_diffrn.ambient_temp_details   ? 
_diffrn.crystal_id             1 
# 
_diffrn_radiation.diffrn_id                        1 
_diffrn_radiation.wavelength_id                    1 
_diffrn_radiation.pdbx_monochromatic_or_laue_m_l   M 
_diffrn_radiation.monochromator                    ? 
_diffrn_radiation.pdbx_diffrn_protocol             'SINGLE WAVELENGTH' 
_diffrn_radiation.pdbx_scattering_type             ? 
# 
_diffrn_radiation_wavelength.id           1 
_diffrn_radiation_wavelength.wavelength   . 
_diffrn_radiation_wavelength.wt           1.0 
# 
_struct.entry_id                  1XSU 
_struct.title                     
'Solution structure of E.coli RNase P RNA P4 stem, U69C/C70U mutation, complexed with cobalt (III) hexammine.' 
_struct.pdbx_model_details        ? 
_struct.pdbx_CASP_flag            ? 
_struct.pdbx_model_type_details   'minimized average' 
# 
_struct_keywords.entry_id        1XSU 
_struct_keywords.pdbx_keywords   RNA 
_struct_keywords.text            
;Ribonuclease P RNA, Ribozyme, transfer RNA processing, P4 stem, U69C/C70U mutant, metal binding site, metal complex, cobalt (III) hexammine complex, RNA
;
# 
loop_
_struct_asym.id 
_struct_asym.pdbx_blank_PDB_chainid_flag 
_struct_asym.pdbx_modified 
_struct_asym.entity_id 
_struct_asym.details 
A N N 1 ? 
B N N 2 ? 
# 
_struct_ref.id                         1 
_struct_ref.entity_id                  1 
_struct_ref.db_name                    PDB 
_struct_ref.db_code                    1XSU 
_struct_ref.pdbx_db_accession          1XSU 
_struct_ref.pdbx_db_isoform            ? 
_struct_ref.pdbx_seq_one_letter_code   ? 
_struct_ref.pdbx_align_begin           ? 
# 
_struct_ref_seq.align_id                      1 
_struct_ref_seq.ref_id                        1 
_struct_ref_seq.pdbx_PDB_id_code              1XSU 
_struct_ref_seq.pdbx_strand_id                A 
_struct_ref_seq.seq_align_beg                 1 
_struct_ref_seq.pdbx_seq_align_beg_ins_code   ? 
_struct_ref_seq.seq_align_end                 27 
_struct_ref_seq.pdbx_seq_align_end_ins_code   ? 
_struct_ref_seq.pdbx_db_accession             1XSU 
_struct_ref_seq.db_align_beg                  1 
_struct_ref_seq.pdbx_db_align_beg_ins_code    ? 
_struct_ref_seq.db_align_end                  27 
_struct_ref_seq.pdbx_db_align_end_ins_code    ? 
_struct_ref_seq.pdbx_auth_seq_align_beg       1 
_struct_ref_seq.pdbx_auth_seq_align_end       27 
# 
_pdbx_struct_assembly.id                   1 
_pdbx_struct_assembly.details              author_defined_assembly 
_pdbx_struct_assembly.method_details       ? 
_pdbx_struct_assembly.oligomeric_details   monomeric 
_pdbx_struct_assembly.oligomeric_count     1 
# 
_pdbx_struct_assembly_gen.assembly_id       1 
_pdbx_struct_assembly_gen.oper_expression   1 
_pdbx_struct_assembly_gen.asym_id_list      A,B 
# 
_pdbx_struct_oper_list.id                   1 
_pdbx_struct_oper_list.type                 'identity operation' 
_pdbx_struct_oper_list.name                 1_555 
_pdbx_struct_oper_list.symmetry_operation   x,y,z 
_pdbx_struct_oper_list.matrix[1][1]         1.0000000000 
_pdbx_struct_oper_list.matrix[1][2]         0.0000000000 
_pdbx_struct_oper_list.matrix[1][3]         0.0000000000 
_pdbx_struct_oper_list.vector[1]            0.0000000000 
_pdbx_struct_oper_list.matrix[2][1]         0.0000000000 
_pdbx_struct_oper_list.matrix[2][2]         1.0000000000 
_pdbx_struct_oper_list.matrix[2][3]         0.0000000000 
_pdbx_struct_oper_list.vector[2]            0.0000000000 
_pdbx_struct_oper_list.matrix[3][1]         0.0000000000 
_pdbx_struct_oper_list.matrix[3][2]         0.0000000000 
_pdbx_struct_oper_list.matrix[3][3]         1.0000000000 
_pdbx_struct_oper_list.vector[3]            0.0000000000 
# 
_struct_biol.id   1 
# 
loop_
_struct_conn.id 
_struct_conn.conn_type_id 
_struct_conn.pdbx_leaving_atom_flag 
_struct_conn.pdbx_PDB_id 
_struct_conn.ptnr1_label_asym_id 
_struct_conn.ptnr1_label_comp_id 
_struct_conn.ptnr1_label_seq_id 
_struct_conn.ptnr1_label_atom_id 
_struct_conn.pdbx_ptnr1_label_alt_id 
_struct_conn.pdbx_ptnr1_PDB_ins_code 
_struct_conn.pdbx_ptnr1_standard_comp_id 
_struct_conn.ptnr1_symmetry 
_struct_conn.ptnr2_label_asym_id 
_struct_conn.ptnr2_label_comp_id 
_struct_conn.ptnr2_label_seq_id 
_struct_conn.ptnr2_label_atom_id 
_struct_conn.pdbx_ptnr2_label_alt_id 
_struct_conn.pdbx_ptnr2_PDB_ins_code 
_struct_conn.ptnr1_auth_asym_id 
_struct_conn.ptnr1_auth_comp_id 
_struct_conn.ptnr1_auth_seq_id 
_struct_conn.ptnr2_auth_asym_id 
_struct_conn.ptnr2_auth_comp_id 
_struct_conn.ptnr2_auth_seq_id 
_struct_conn.ptnr2_symmetry 
_struct_conn.pdbx_ptnr3_label_atom_id 
_struct_conn.pdbx_ptnr3_label_seq_id 
_struct_conn.pdbx_ptnr3_label_comp_id 
_struct_conn.pdbx_ptnr3_label_asym_id 
_struct_conn.pdbx_ptnr3_label_alt_id 
_struct_conn.pdbx_ptnr3_PDB_ins_code 
_struct_conn.details 
_struct_conn.pdbx_dist_value 
_struct_conn.pdbx_value_order 
_struct_conn.pdbx_role 
hydrog1  hydrog ? ? A G 1  N1 ? ? ? 1_555 A C 27 N3 ? ? A G 1  A C 27 1_555 ? ? ? ? ? ? WATSON-CRICK  ? ? ? 
hydrog2  hydrog ? ? A G 1  N2 ? ? ? 1_555 A C 27 O2 ? ? A G 1  A C 27 1_555 ? ? ? ? ? ? WATSON-CRICK  ? ? ? 
hydrog3  hydrog ? ? A G 1  O6 ? ? ? 1_555 A C 27 N4 ? ? A G 1  A C 27 1_555 ? ? ? ? ? ? WATSON-CRICK  ? ? ? 
hydrog4  hydrog ? ? A G 2  N1 ? ? ? 1_555 A C 26 N3 ? ? A G 2  A C 26 1_555 ? ? ? ? ? ? WATSON-CRICK  ? ? ? 
hydrog5  hydrog ? ? A G 2  N2 ? ? ? 1_555 A C 26 O2 ? ? A G 2  A C 26 1_555 ? ? ? ? ? ? WATSON-CRICK  ? ? ? 
hydrog6  hydrog ? ? A G 2  O6 ? ? ? 1_555 A C 26 N4 ? ? A G 2  A C 26 1_555 ? ? ? ? ? ? WATSON-CRICK  ? ? ? 
hydrog7  hydrog ? ? A A 3  N1 ? ? ? 1_555 A U 25 N3 ? ? A A 3  A U 25 1_555 ? ? ? ? ? ? WATSON-CRICK  ? ? ? 
hydrog8  hydrog ? ? A A 3  N6 ? ? ? 1_555 A U 25 O4 ? ? A A 3  A U 25 1_555 ? ? ? ? ? ? WATSON-CRICK  ? ? ? 
hydrog9  hydrog ? ? A A 4  N1 ? ? ? 1_555 A U 24 N3 ? ? A A 4  A U 24 1_555 ? ? ? ? ? ? WATSON-CRICK  ? ? ? 
hydrog10 hydrog ? ? A A 4  N6 ? ? ? 1_555 A U 24 O4 ? ? A A 4  A U 24 1_555 ? ? ? ? ? ? WATSON-CRICK  ? ? ? 
hydrog11 hydrog ? ? A G 5  N1 ? ? ? 1_555 A C 23 N3 ? ? A G 5  A C 23 1_555 ? ? ? ? ? ? WATSON-CRICK  ? ? ? 
hydrog12 hydrog ? ? A G 5  N2 ? ? ? 1_555 A C 23 O2 ? ? A G 5  A C 23 1_555 ? ? ? ? ? ? WATSON-CRICK  ? ? ? 
hydrog13 hydrog ? ? A G 5  O6 ? ? ? 1_555 A C 23 N4 ? ? A G 5  A C 23 1_555 ? ? ? ? ? ? WATSON-CRICK  ? ? ? 
hydrog14 hydrog ? ? A C 6  N3 ? ? ? 1_555 A G 22 N1 ? ? A C 6  A G 22 1_555 ? ? ? ? ? ? WATSON-CRICK  ? ? ? 
hydrog15 hydrog ? ? A C 6  N4 ? ? ? 1_555 A G 22 O6 ? ? A C 6  A G 22 1_555 ? ? ? ? ? ? WATSON-CRICK  ? ? ? 
hydrog16 hydrog ? ? A C 6  O2 ? ? ? 1_555 A G 22 N2 ? ? A C 6  A G 22 1_555 ? ? ? ? ? ? WATSON-CRICK  ? ? ? 
hydrog17 hydrog ? ? A C 8  N3 ? ? ? 1_555 A G 21 N1 ? ? A C 8  A G 21 1_555 ? ? ? ? ? ? WATSON-CRICK  ? ? ? 
hydrog18 hydrog ? ? A C 8  N4 ? ? ? 1_555 A G 21 O6 ? ? A C 8  A G 21 1_555 ? ? ? ? ? ? WATSON-CRICK  ? ? ? 
hydrog19 hydrog ? ? A C 8  O2 ? ? ? 1_555 A G 21 N2 ? ? A C 8  A G 21 1_555 ? ? ? ? ? ? WATSON-CRICK  ? ? ? 
hydrog20 hydrog ? ? A C 8  N4 ? ? ? 1_555 A G 22 O6 ? ? A C 8  A G 22 1_555 ? ? ? ? ? ? 'C-G PAIR'    ? ? ? 
hydrog21 hydrog ? ? A G 9  N1 ? ? ? 1_555 A C 20 N3 ? ? A G 9  A C 20 1_555 ? ? ? ? ? ? WATSON-CRICK  ? ? ? 
hydrog22 hydrog ? ? A G 9  N2 ? ? ? 1_555 A C 20 O2 ? ? A G 9  A C 20 1_555 ? ? ? ? ? ? WATSON-CRICK  ? ? ? 
hydrog23 hydrog ? ? A G 9  O6 ? ? ? 1_555 A C 20 N4 ? ? A G 9  A C 20 1_555 ? ? ? ? ? ? WATSON-CRICK  ? ? ? 
hydrog24 hydrog ? ? A G 10 N1 ? ? ? 1_555 A C 19 N3 ? ? A G 10 A C 19 1_555 ? ? ? ? ? ? WATSON-CRICK  ? ? ? 
hydrog25 hydrog ? ? A G 10 N2 ? ? ? 1_555 A C 19 O2 ? ? A G 10 A C 19 1_555 ? ? ? ? ? ? WATSON-CRICK  ? ? ? 
hydrog26 hydrog ? ? A G 10 O6 ? ? ? 1_555 A C 19 N4 ? ? A G 10 A C 19 1_555 ? ? ? ? ? ? WATSON-CRICK  ? ? ? 
hydrog27 hydrog ? ? A U 11 N3 ? ? ? 1_555 A A 18 N1 ? ? A U 11 A A 18 1_555 ? ? ? ? ? ? WATSON-CRICK  ? ? ? 
hydrog28 hydrog ? ? A U 11 O4 ? ? ? 1_555 A A 18 N6 ? ? A U 11 A A 18 1_555 ? ? ? ? ? ? WATSON-CRICK  ? ? ? 
hydrog29 hydrog ? ? A U 11 N3 ? ? ? 1_555 A C 19 O2 ? ? A U 11 A C 19 1_555 ? ? ? ? ? ? 'U-C MISPAIR' ? ? ? 
hydrog30 hydrog ? ? A C 12 N3 ? ? ? 1_555 A G 17 N1 ? ? A C 12 A G 17 1_555 ? ? ? ? ? ? WATSON-CRICK  ? ? ? 
hydrog31 hydrog ? ? A C 12 N4 ? ? ? 1_555 A G 17 O6 ? ? A C 12 A G 17 1_555 ? ? ? ? ? ? WATSON-CRICK  ? ? ? 
hydrog32 hydrog ? ? A C 12 O2 ? ? ? 1_555 A G 17 N2 ? ? A C 12 A G 17 1_555 ? ? ? ? ? ? WATSON-CRICK  ? ? ? 
hydrog33 hydrog ? ? A U 13 O2 ? ? ? 1_555 A G 16 N1 ? ? A U 13 A G 16 1_555 ? ? ? ? ? ? 'U-G MISPAIR' ? ? ? 
# 
_struct_conn_type.id          hydrog 
_struct_conn_type.criteria    ? 
_struct_conn_type.reference   ? 
# 
_struct_site.id                   AC1 
_struct_site.pdbx_evidence_code   Software 
_struct_site.pdbx_auth_asym_id    A 
_struct_site.pdbx_auth_comp_id    NCO 
_struct_site.pdbx_auth_seq_id     28 
_struct_site.pdbx_auth_ins_code   ? 
_struct_site.pdbx_num_residues    3 
_struct_site.details              'BINDING SITE FOR RESIDUE NCO A 28' 
# 
loop_
_struct_site_gen.id 
_struct_site_gen.site_id 
_struct_site_gen.pdbx_num_res 
_struct_site_gen.label_comp_id 
_struct_site_gen.label_asym_id 
_struct_site_gen.label_seq_id 
_struct_site_gen.pdbx_auth_ins_code 
_struct_site_gen.auth_comp_id 
_struct_site_gen.auth_asym_id 
_struct_site_gen.auth_seq_id 
_struct_site_gen.label_atom_id 
_struct_site_gen.label_alt_id 
_struct_site_gen.symmetry 
_struct_site_gen.details 
1 AC1 3 G A 9  ? G A 9  . ? 1_555 ? 
2 AC1 3 G A 10 ? G A 10 . ? 1_555 ? 
3 AC1 3 C A 19 ? C A 19 . ? 1_555 ? 
# 
_pdbx_validate_close_contact.id               1 
_pdbx_validate_close_contact.PDB_model_num    1 
_pdbx_validate_close_contact.auth_atom_id_1   H41 
_pdbx_validate_close_contact.auth_asym_id_1   A 
_pdbx_validate_close_contact.auth_comp_id_1   C 
_pdbx_validate_close_contact.auth_seq_id_1    12 
_pdbx_validate_close_contact.PDB_ins_code_1   ? 
_pdbx_validate_close_contact.label_alt_id_1   ? 
_pdbx_validate_close_contact.auth_atom_id_2   O6 
_pdbx_validate_close_contact.auth_asym_id_2   A 
_pdbx_validate_close_contact.auth_comp_id_2   G 
_pdbx_validate_close_contact.auth_seq_id_2    17 
_pdbx_validate_close_contact.PDB_ins_code_2   ? 
_pdbx_validate_close_contact.label_alt_id_2   ? 
_pdbx_validate_close_contact.dist             1.59 
# 
_pdbx_nmr_ensemble.entry_id                             1XSU 
_pdbx_nmr_ensemble.conformers_calculated_total_number   ? 
_pdbx_nmr_ensemble.conformers_submitted_total_number    1 
_pdbx_nmr_ensemble.conformer_selection_criteria         ? 
# 
_pdbx_nmr_representative.entry_id             1XSU 
_pdbx_nmr_representative.conformer_id         1 
_pdbx_nmr_representative.selection_criteria   'minimized average structure' 
# 
loop_
_pdbx_nmr_sample_details.solution_id 
_pdbx_nmr_sample_details.contents 
_pdbx_nmr_sample_details.solvent_system 
1 '2mM P4 U69C/C70U RNA; 100mM NaCl; 10mM phosphate buffer; 90% H2O, 10% D2O'                                '90% H2O/10% D2O' 
2 '2mM P4 U69C/C70U RNA; 100mM NaCl; 10mM phosphate buffer; 100% D2O'                                        '100% D2O'        
3 '2mM P4 U69C/C70U RNA; 100mM NaCl; 6mM hexammine cobalt chloride; 10mM phosphate buffer; 90% H2O, 10% D2O' '90% H2O/10% D2O' 
# 
loop_
_pdbx_nmr_exptl_sample_conditions.conditions_id 
_pdbx_nmr_exptl_sample_conditions.temperature 
_pdbx_nmr_exptl_sample_conditions.pressure 
_pdbx_nmr_exptl_sample_conditions.pH 
_pdbx_nmr_exptl_sample_conditions.ionic_strength 
_pdbx_nmr_exptl_sample_conditions.pressure_units 
_pdbx_nmr_exptl_sample_conditions.temperature_units 
1 288 ambient 6.4 '100 mM NaCl'                  ? K 
2 288 ambient 6.4 '100 mM NaCl, 6 mM Co(NH3)6Cl' ? K 
# 
loop_
_pdbx_nmr_exptl.experiment_id 
_pdbx_nmr_exptl.solution_id 
_pdbx_nmr_exptl.conditions_id 
_pdbx_nmr_exptl.type 
1 1 1 '2D NOESY'                
2 2 1 '2D NOESY'                
3 3 2 '2D NOESY'                
4 2 1 DQF-COSY                  
5 2 1 31P-1H-Hetero-COSY        
6 2 1 31P-1H-Hetero-TOCSY-NOESY 
# 
_pdbx_nmr_details.entry_id   1XSU 
_pdbx_nmr_details.text       
;The structure was determined using standard 2D homonuclear techniques as well as 13C and 31P heteronuclear experiments performed at natural abundance. Intermolecular NOE crosspeaks between RNA protons and cobalt (III) hexammine protons and intermolecular distance constraints derived thereof were used to determine the site of cobalt (III) hexammine binding.
;
# 
_pdbx_nmr_refine.entry_id           1XSU 
_pdbx_nmr_refine.method             'restrained molecular dynamics and simulated annealing' 
_pdbx_nmr_refine.details            
;The average structure is based on the superposition of 18 structures after refinement. The average RMS deviation between the ensemble and the average structure is 1.87 Angstrom. A total of 261 NOE-derived distance constraints, 246 dihedral constraints and 48 distance constraints from hydrogen bonds were used in refinement. 12 NOE derived intermolecular distance constraints were used to localize the bound cobalt (III) hexammine.
;
_pdbx_nmr_refine.software_ordinal   1 
# 
loop_
_pdbx_nmr_software.name 
_pdbx_nmr_software.version 
_pdbx_nmr_software.classification 
_pdbx_nmr_software.authors 
_pdbx_nmr_software.ordinal 
XwinNMR 1.2 collection           Bruker        1 
NMRPipe 2.1 processing           'F. Delaglio' 2 
X-PLOR  3.1 'structure solution' 'A. Bruenger' 3 
X-PLOR  3.1 refinement           'A. Bruenger' 4 
# 
loop_
_chem_comp_atom.comp_id 
_chem_comp_atom.atom_id 
_chem_comp_atom.type_symbol 
_chem_comp_atom.pdbx_aromatic_flag 
_chem_comp_atom.pdbx_stereo_config 
_chem_comp_atom.pdbx_ordinal 
A   OP3    O  N N 1   
A   P      P  N N 2   
A   OP1    O  N N 3   
A   OP2    O  N N 4   
A   "O5'"  O  N N 5   
A   "C5'"  C  N N 6   
A   "C4'"  C  N R 7   
A   "O4'"  O  N N 8   
A   "C3'"  C  N S 9   
A   "O3'"  O  N N 10  
A   "C2'"  C  N R 11  
A   "O2'"  O  N N 12  
A   "C1'"  C  N R 13  
A   N9     N  Y N 14  
A   C8     C  Y N 15  
A   N7     N  Y N 16  
A   C5     C  Y N 17  
A   C6     C  Y N 18  
A   N6     N  N N 19  
A   N1     N  Y N 20  
A   C2     C  Y N 21  
A   N3     N  Y N 22  
A   C4     C  Y N 23  
A   HOP3   H  N N 24  
A   HOP2   H  N N 25  
A   "H5'"  H  N N 26  
A   "H5''" H  N N 27  
A   "H4'"  H  N N 28  
A   "H3'"  H  N N 29  
A   "HO3'" H  N N 30  
A   "H2'"  H  N N 31  
A   "HO2'" H  N N 32  
A   "H1'"  H  N N 33  
A   H8     H  N N 34  
A   H61    H  N N 35  
A   H62    H  N N 36  
A   H2     H  N N 37  
C   OP3    O  N N 38  
C   P      P  N N 39  
C   OP1    O  N N 40  
C   OP2    O  N N 41  
C   "O5'"  O  N N 42  
C   "C5'"  C  N N 43  
C   "C4'"  C  N R 44  
C   "O4'"  O  N N 45  
C   "C3'"  C  N S 46  
C   "O3'"  O  N N 47  
C   "C2'"  C  N R 48  
C   "O2'"  O  N N 49  
C   "C1'"  C  N R 50  
C   N1     N  N N 51  
C   C2     C  N N 52  
C   O2     O  N N 53  
C   N3     N  N N 54  
C   C4     C  N N 55  
C   N4     N  N N 56  
C   C5     C  N N 57  
C   C6     C  N N 58  
C   HOP3   H  N N 59  
C   HOP2   H  N N 60  
C   "H5'"  H  N N 61  
C   "H5''" H  N N 62  
C   "H4'"  H  N N 63  
C   "H3'"  H  N N 64  
C   "HO3'" H  N N 65  
C   "H2'"  H  N N 66  
C   "HO2'" H  N N 67  
C   "H1'"  H  N N 68  
C   H41    H  N N 69  
C   H42    H  N N 70  
C   H5     H  N N 71  
C   H6     H  N N 72  
G   OP3    O  N N 73  
G   P      P  N N 74  
G   OP1    O  N N 75  
G   OP2    O  N N 76  
G   "O5'"  O  N N 77  
G   "C5'"  C  N N 78  
G   "C4'"  C  N R 79  
G   "O4'"  O  N N 80  
G   "C3'"  C  N S 81  
G   "O3'"  O  N N 82  
G   "C2'"  C  N R 83  
G   "O2'"  O  N N 84  
G   "C1'"  C  N R 85  
G   N9     N  Y N 86  
G   C8     C  Y N 87  
G   N7     N  Y N 88  
G   C5     C  Y N 89  
G   C6     C  N N 90  
G   O6     O  N N 91  
G   N1     N  N N 92  
G   C2     C  N N 93  
G   N2     N  N N 94  
G   N3     N  N N 95  
G   C4     C  Y N 96  
G   HOP3   H  N N 97  
G   HOP2   H  N N 98  
G   "H5'"  H  N N 99  
G   "H5''" H  N N 100 
G   "H4'"  H  N N 101 
G   "H3'"  H  N N 102 
G   "HO3'" H  N N 103 
G   "H2'"  H  N N 104 
G   "HO2'" H  N N 105 
G   "H1'"  H  N N 106 
G   H8     H  N N 107 
G   H1     H  N N 108 
G   H21    H  N N 109 
G   H22    H  N N 110 
NCO CO     CO N N 111 
NCO N1     N  N N 112 
NCO N2     N  N N 113 
NCO N3     N  N N 114 
NCO N4     N  N N 115 
NCO N5     N  N N 116 
NCO N6     N  N N 117 
NCO HN11   H  N N 118 
NCO HN12   H  N N 119 
NCO HN13   H  N N 120 
NCO HN21   H  N N 121 
NCO HN22   H  N N 122 
NCO HN23   H  N N 123 
NCO HN31   H  N N 124 
NCO HN32   H  N N 125 
NCO HN33   H  N N 126 
NCO HN41   H  N N 127 
NCO HN42   H  N N 128 
NCO HN43   H  N N 129 
NCO HN51   H  N N 130 
NCO HN52   H  N N 131 
NCO HN53   H  N N 132 
NCO HN61   H  N N 133 
NCO HN62   H  N N 134 
NCO HN63   H  N N 135 
U   OP3    O  N N 136 
U   P      P  N N 137 
U   OP1    O  N N 138 
U   OP2    O  N N 139 
U   "O5'"  O  N N 140 
U   "C5'"  C  N N 141 
U   "C4'"  C  N R 142 
U   "O4'"  O  N N 143 
U   "C3'"  C  N S 144 
U   "O3'"  O  N N 145 
U   "C2'"  C  N R 146 
U   "O2'"  O  N N 147 
U   "C1'"  C  N R 148 
U   N1     N  N N 149 
U   C2     C  N N 150 
U   O2     O  N N 151 
U   N3     N  N N 152 
U   C4     C  N N 153 
U   O4     O  N N 154 
U   C5     C  N N 155 
U   C6     C  N N 156 
U   HOP3   H  N N 157 
U   HOP2   H  N N 158 
U   "H5'"  H  N N 159 
U   "H5''" H  N N 160 
U   "H4'"  H  N N 161 
U   "H3'"  H  N N 162 
U   "HO3'" H  N N 163 
U   "H2'"  H  N N 164 
U   "HO2'" H  N N 165 
U   "H1'"  H  N N 166 
U   H3     H  N N 167 
U   H5     H  N N 168 
U   H6     H  N N 169 
# 
loop_
_chem_comp_bond.comp_id 
_chem_comp_bond.atom_id_1 
_chem_comp_bond.atom_id_2 
_chem_comp_bond.value_order 
_chem_comp_bond.pdbx_aromatic_flag 
_chem_comp_bond.pdbx_stereo_config 
_chem_comp_bond.pdbx_ordinal 
A   OP3   P      sing N N 1   
A   OP3   HOP3   sing N N 2   
A   P     OP1    doub N N 3   
A   P     OP2    sing N N 4   
A   P     "O5'"  sing N N 5   
A   OP2   HOP2   sing N N 6   
A   "O5'" "C5'"  sing N N 7   
A   "C5'" "C4'"  sing N N 8   
A   "C5'" "H5'"  sing N N 9   
A   "C5'" "H5''" sing N N 10  
A   "C4'" "O4'"  sing N N 11  
A   "C4'" "C3'"  sing N N 12  
A   "C4'" "H4'"  sing N N 13  
A   "O4'" "C1'"  sing N N 14  
A   "C3'" "O3'"  sing N N 15  
A   "C3'" "C2'"  sing N N 16  
A   "C3'" "H3'"  sing N N 17  
A   "O3'" "HO3'" sing N N 18  
A   "C2'" "O2'"  sing N N 19  
A   "C2'" "C1'"  sing N N 20  
A   "C2'" "H2'"  sing N N 21  
A   "O2'" "HO2'" sing N N 22  
A   "C1'" N9     sing N N 23  
A   "C1'" "H1'"  sing N N 24  
A   N9    C8     sing Y N 25  
A   N9    C4     sing Y N 26  
A   C8    N7     doub Y N 27  
A   C8    H8     sing N N 28  
A   N7    C5     sing Y N 29  
A   C5    C6     sing Y N 30  
A   C5    C4     doub Y N 31  
A   C6    N6     sing N N 32  
A   C6    N1     doub Y N 33  
A   N6    H61    sing N N 34  
A   N6    H62    sing N N 35  
A   N1    C2     sing Y N 36  
A   C2    N3     doub Y N 37  
A   C2    H2     sing N N 38  
A   N3    C4     sing Y N 39  
C   OP3   P      sing N N 40  
C   OP3   HOP3   sing N N 41  
C   P     OP1    doub N N 42  
C   P     OP2    sing N N 43  
C   P     "O5'"  sing N N 44  
C   OP2   HOP2   sing N N 45  
C   "O5'" "C5'"  sing N N 46  
C   "C5'" "C4'"  sing N N 47  
C   "C5'" "H5'"  sing N N 48  
C   "C5'" "H5''" sing N N 49  
C   "C4'" "O4'"  sing N N 50  
C   "C4'" "C3'"  sing N N 51  
C   "C4'" "H4'"  sing N N 52  
C   "O4'" "C1'"  sing N N 53  
C   "C3'" "O3'"  sing N N 54  
C   "C3'" "C2'"  sing N N 55  
C   "C3'" "H3'"  sing N N 56  
C   "O3'" "HO3'" sing N N 57  
C   "C2'" "O2'"  sing N N 58  
C   "C2'" "C1'"  sing N N 59  
C   "C2'" "H2'"  sing N N 60  
C   "O2'" "HO2'" sing N N 61  
C   "C1'" N1     sing N N 62  
C   "C1'" "H1'"  sing N N 63  
C   N1    C2     sing N N 64  
C   N1    C6     sing N N 65  
C   C2    O2     doub N N 66  
C   C2    N3     sing N N 67  
C   N3    C4     doub N N 68  
C   C4    N4     sing N N 69  
C   C4    C5     sing N N 70  
C   N4    H41    sing N N 71  
C   N4    H42    sing N N 72  
C   C5    C6     doub N N 73  
C   C5    H5     sing N N 74  
C   C6    H6     sing N N 75  
G   OP3   P      sing N N 76  
G   OP3   HOP3   sing N N 77  
G   P     OP1    doub N N 78  
G   P     OP2    sing N N 79  
G   P     "O5'"  sing N N 80  
G   OP2   HOP2   sing N N 81  
G   "O5'" "C5'"  sing N N 82  
G   "C5'" "C4'"  sing N N 83  
G   "C5'" "H5'"  sing N N 84  
G   "C5'" "H5''" sing N N 85  
G   "C4'" "O4'"  sing N N 86  
G   "C4'" "C3'"  sing N N 87  
G   "C4'" "H4'"  sing N N 88  
G   "O4'" "C1'"  sing N N 89  
G   "C3'" "O3'"  sing N N 90  
G   "C3'" "C2'"  sing N N 91  
G   "C3'" "H3'"  sing N N 92  
G   "O3'" "HO3'" sing N N 93  
G   "C2'" "O2'"  sing N N 94  
G   "C2'" "C1'"  sing N N 95  
G   "C2'" "H2'"  sing N N 96  
G   "O2'" "HO2'" sing N N 97  
G   "C1'" N9     sing N N 98  
G   "C1'" "H1'"  sing N N 99  
G   N9    C8     sing Y N 100 
G   N9    C4     sing Y N 101 
G   C8    N7     doub Y N 102 
G   C8    H8     sing N N 103 
G   N7    C5     sing Y N 104 
G   C5    C6     sing N N 105 
G   C5    C4     doub Y N 106 
G   C6    O6     doub N N 107 
G   C6    N1     sing N N 108 
G   N1    C2     sing N N 109 
G   N1    H1     sing N N 110 
G   C2    N2     sing N N 111 
G   C2    N3     doub N N 112 
G   N2    H21    sing N N 113 
G   N2    H22    sing N N 114 
G   N3    C4     sing N N 115 
NCO CO    N1     sing N N 116 
NCO CO    N2     sing N N 117 
NCO CO    N3     sing N N 118 
NCO CO    N4     sing N N 119 
NCO CO    N5     sing N N 120 
NCO CO    N6     sing N N 121 
NCO N1    HN11   sing N N 122 
NCO N1    HN12   sing N N 123 
NCO N1    HN13   sing N N 124 
NCO N2    HN21   sing N N 125 
NCO N2    HN22   sing N N 126 
NCO N2    HN23   sing N N 127 
NCO N3    HN31   sing N N 128 
NCO N3    HN32   sing N N 129 
NCO N3    HN33   sing N N 130 
NCO N4    HN41   sing N N 131 
NCO N4    HN42   sing N N 132 
NCO N4    HN43   sing N N 133 
NCO N5    HN51   sing N N 134 
NCO N5    HN52   sing N N 135 
NCO N5    HN53   sing N N 136 
NCO N6    HN61   sing N N 137 
NCO N6    HN62   sing N N 138 
NCO N6    HN63   sing N N 139 
U   OP3   P      sing N N 140 
U   OP3   HOP3   sing N N 141 
U   P     OP1    doub N N 142 
U   P     OP2    sing N N 143 
U   P     "O5'"  sing N N 144 
U   OP2   HOP2   sing N N 145 
U   "O5'" "C5'"  sing N N 146 
U   "C5'" "C4'"  sing N N 147 
U   "C5'" "H5'"  sing N N 148 
U   "C5'" "H5''" sing N N 149 
U   "C4'" "O4'"  sing N N 150 
U   "C4'" "C3'"  sing N N 151 
U   "C4'" "H4'"  sing N N 152 
U   "O4'" "C1'"  sing N N 153 
U   "C3'" "O3'"  sing N N 154 
U   "C3'" "C2'"  sing N N 155 
U   "C3'" "H3'"  sing N N 156 
U   "O3'" "HO3'" sing N N 157 
U   "C2'" "O2'"  sing N N 158 
U   "C2'" "C1'"  sing N N 159 
U   "C2'" "H2'"  sing N N 160 
U   "O2'" "HO2'" sing N N 161 
U   "C1'" N1     sing N N 162 
U   "C1'" "H1'"  sing N N 163 
U   N1    C2     sing N N 164 
U   N1    C6     sing N N 165 
U   C2    O2     doub N N 166 
U   C2    N3     sing N N 167 
U   N3    C4     sing N N 168 
U   N3    H3     sing N N 169 
U   C4    O4     doub N N 170 
U   C4    C5     sing N N 171 
U   C5    C6     doub N N 172 
U   C5    H5     sing N N 173 
U   C6    H6     sing N N 174 
# 
loop_
_ndb_struct_conf_na.entry_id 
_ndb_struct_conf_na.feature 
1XSU 'double helix'         
1XSU 'a-form double helix'  
1XSU tetraloop              
1XSU 'bulge loop'           
1XSU 'mismatched base pair' 
# 
loop_
_ndb_struct_na_base_pair.model_number 
_ndb_struct_na_base_pair.i_label_asym_id 
_ndb_struct_na_base_pair.i_label_comp_id 
_ndb_struct_na_base_pair.i_label_seq_id 
_ndb_struct_na_base_pair.i_symmetry 
_ndb_struct_na_base_pair.j_label_asym_id 
_ndb_struct_na_base_pair.j_label_comp_id 
_ndb_struct_na_base_pair.j_label_seq_id 
_ndb_struct_na_base_pair.j_symmetry 
_ndb_struct_na_base_pair.shear 
_ndb_struct_na_base_pair.stretch 
_ndb_struct_na_base_pair.stagger 
_ndb_struct_na_base_pair.buckle 
_ndb_struct_na_base_pair.propeller 
_ndb_struct_na_base_pair.opening 
_ndb_struct_na_base_pair.pair_number 
_ndb_struct_na_base_pair.pair_name 
_ndb_struct_na_base_pair.i_auth_asym_id 
_ndb_struct_na_base_pair.i_auth_seq_id 
_ndb_struct_na_base_pair.i_PDB_ins_code 
_ndb_struct_na_base_pair.j_auth_asym_id 
_ndb_struct_na_base_pair.j_auth_seq_id 
_ndb_struct_na_base_pair.j_PDB_ins_code 
_ndb_struct_na_base_pair.hbond_type_28 
_ndb_struct_na_base_pair.hbond_type_12 
1 A G 1  1_555 A C 27 1_555 -0.103 -0.296 -0.326 50.702  21.689  -4.203  1  A_G1:C27_A  A 1  ? A 27 ? 19 1 
1 A G 2  1_555 A C 26 1_555 -0.205 -0.198 0.593  16.273  -9.173  -5.512  2  A_G2:C26_A  A 2  ? A 26 ? 19 1 
1 A A 3  1_555 A U 25 1_555 0.262  -0.132 -0.700 3.973   -18.085 -1.267  3  A_A3:U25_A  A 3  ? A 25 ? 20 1 
1 A A 4  1_555 A U 24 1_555 -0.091 -0.190 -0.710 -7.911  -20.395 -0.535  4  A_A4:U24_A  A 4  ? A 24 ? 20 1 
1 A G 5  1_555 A C 23 1_555 -0.252 -0.093 -0.255 -29.971 -19.232 -2.302  5  A_G5:C23_A  A 5  ? A 23 ? 19 1 
1 A C 6  1_555 A G 22 1_555 0.324  -0.123 0.264  -29.326 11.707  -5.127  6  A_C6:G22_A  A 6  ? A 22 ? 19 1 
1 A C 8  1_555 A G 21 1_555 0.086  -0.301 -0.841 17.768  10.425  -7.157  7  A_C8:G21_A  A 8  ? A 21 ? 19 1 
1 A G 9  1_555 A C 20 1_555 -0.270 -0.166 -0.245 13.016  1.180   -2.880  8  A_G9:C20_A  A 9  ? A 20 ? 19 1 
1 A G 10 1_555 A C 19 1_555 -0.297 -0.569 -1.466 -13.556 -17.372 4.097   9  A_G10:C19_A A 10 ? A 19 ? 19 1 
1 A U 11 1_555 A A 18 1_555 -0.357 -0.392 -1.089 -7.515  -15.506 -2.753  10 A_U11:A18_A A 11 ? A 18 ? 20 1 
1 A C 12 1_555 A G 17 1_555 0.334  -0.503 -0.610 -15.852 -10.597 0.688   11 A_C12:G17_A A 12 ? A 17 ? 19 1 
1 A U 13 1_555 A G 16 1_555 1.090  -5.577 0.667  14.554  0.072   -84.654 12 A_U13:G16_A A 13 ? A 16 ? ?  2 
# 
loop_
_ndb_struct_na_base_pair_step.model_number 
_ndb_struct_na_base_pair_step.i_label_asym_id_1 
_ndb_struct_na_base_pair_step.i_label_comp_id_1 
_ndb_struct_na_base_pair_step.i_label_seq_id_1 
_ndb_struct_na_base_pair_step.i_symmetry_1 
_ndb_struct_na_base_pair_step.j_label_asym_id_1 
_ndb_struct_na_base_pair_step.j_label_comp_id_1 
_ndb_struct_na_base_pair_step.j_label_seq_id_1 
_ndb_struct_na_base_pair_step.j_symmetry_1 
_ndb_struct_na_base_pair_step.i_label_asym_id_2 
_ndb_struct_na_base_pair_step.i_label_comp_id_2 
_ndb_struct_na_base_pair_step.i_label_seq_id_2 
_ndb_struct_na_base_pair_step.i_symmetry_2 
_ndb_struct_na_base_pair_step.j_label_asym_id_2 
_ndb_struct_na_base_pair_step.j_label_comp_id_2 
_ndb_struct_na_base_pair_step.j_label_seq_id_2 
_ndb_struct_na_base_pair_step.j_symmetry_2 
_ndb_struct_na_base_pair_step.shift 
_ndb_struct_na_base_pair_step.slide 
_ndb_struct_na_base_pair_step.rise 
_ndb_struct_na_base_pair_step.tilt 
_ndb_struct_na_base_pair_step.roll 
_ndb_struct_na_base_pair_step.twist 
_ndb_struct_na_base_pair_step.x_displacement 
_ndb_struct_na_base_pair_step.y_displacement 
_ndb_struct_na_base_pair_step.helical_rise 
_ndb_struct_na_base_pair_step.inclination 
_ndb_struct_na_base_pair_step.tip 
_ndb_struct_na_base_pair_step.helical_twist 
_ndb_struct_na_base_pair_step.step_number 
_ndb_struct_na_base_pair_step.step_name 
_ndb_struct_na_base_pair_step.i_auth_asym_id_1 
_ndb_struct_na_base_pair_step.i_auth_seq_id_1 
_ndb_struct_na_base_pair_step.i_PDB_ins_code_1 
_ndb_struct_na_base_pair_step.j_auth_asym_id_1 
_ndb_struct_na_base_pair_step.j_auth_seq_id_1 
_ndb_struct_na_base_pair_step.j_PDB_ins_code_1 
_ndb_struct_na_base_pair_step.i_auth_asym_id_2 
_ndb_struct_na_base_pair_step.i_auth_seq_id_2 
_ndb_struct_na_base_pair_step.i_PDB_ins_code_2 
_ndb_struct_na_base_pair_step.j_auth_asym_id_2 
_ndb_struct_na_base_pair_step.j_auth_seq_id_2 
_ndb_struct_na_base_pair_step.j_PDB_ins_code_2 
1 A G 1  1_555 A C 27 1_555 A G 2  1_555 A C 26 1_555 -0.858 -1.581 5.443 -4.094 13.648 24.575  -8.170 0.269  4.103 29.143 8.742   
28.352  1  AA_G1G2:C26C27_AA   A 1  ? A 27 ? A 2  ? A 26 ? 
1 A G 2  1_555 A C 26 1_555 A A 3  1_555 A U 25 1_555 0.049  -1.066 4.175 6.502  12.725 33.680  -3.858 1.024  3.510 20.835 -10.647 
36.505  2  AA_G2A3:U25C26_AA   A 2  ? A 26 ? A 3  ? A 25 ? 
1 A A 3  1_555 A U 25 1_555 A A 4  1_555 A U 24 1_555 0.468  -0.939 4.273 0.195  1.834  33.009  -2.053 -0.779 4.219 3.224  -0.343  
33.059  3  AA_A3A4:U24U25_AA   A 3  ? A 25 ? A 4  ? A 24 ? 
1 A A 4  1_555 A U 24 1_555 A G 5  1_555 A C 23 1_555 -0.110 -1.305 4.494 -2.844 9.924  33.459  -4.150 -0.384 3.954 16.749 4.800   
34.972  4  AA_A4G5:C23U24_AA   A 4  ? A 24 ? A 5  ? A 23 ? 
1 A G 5  1_555 A C 23 1_555 A C 6  1_555 A G 22 1_555 0.042  -1.171 3.785 -5.437 14.874 25.741  -5.491 -1.264 2.666 30.038 10.979  
30.153  5  AA_G5C6:G22C23_AA   A 5  ? A 23 ? A 6  ? A 22 ? 
1 A C 6  1_555 A G 22 1_555 A C 8  1_555 A G 21 1_555 -0.940 -1.000 2.213 9.543  19.001 31.169  -2.942 2.157  1.120 31.225 -15.683 
37.581  6  AA_C6C8:G21G22_AA   A 6  ? A 22 ? A 8  ? A 21 ? 
1 A C 8  1_555 A G 21 1_555 A G 9  1_555 A C 20 1_555 -0.492 -0.697 4.242 -5.815 11.961 28.809  -4.090 -0.466 3.698 22.582 10.980  
31.672  7  AA_C8G9:C20G21_AA   A 8  ? A 21 ? A 9  ? A 20 ? 
1 A G 9  1_555 A C 20 1_555 A G 10 1_555 A C 19 1_555 0.764  -1.293 5.011 6.316  11.026 28.637  -5.508 0.364  4.302 21.033 -12.048 
31.275  8  AA_G9G10:C19C20_AA  A 9  ? A 20 ? A 10 ? A 19 ? 
1 A G 10 1_555 A C 19 1_555 A U 11 1_555 A A 18 1_555 -1.193 -0.671 3.567 -3.746 -0.542 36.066  -0.994 1.335  3.678 -0.872 6.030   
36.258  9  AA_G10U11:A18C19_AA A 10 ? A 19 ? A 11 ? A 18 ? 
1 A U 11 1_555 A A 18 1_555 A C 12 1_555 A G 17 1_555 -0.119 -0.848 3.805 -2.098 23.695 31.288  -4.380 -0.098 2.570 37.844 3.352   
39.123  10 AA_U11C12:G17A18_AA A 11 ? A 18 ? A 12 ? A 17 ? 
1 A C 12 1_555 A G 17 1_555 A U 13 1_555 A G 16 1_555 1.569  -0.444 2.947 -5.152 18.579 102.897 -0.515 -1.059 2.809 11.808 3.274   
104.181 11 AA_C12U13:G16G17_AA A 12 ? A 17 ? A 13 ? A 16 ? 
# 
_pdbx_nmr_spectrometer.spectrometer_id   1 
_pdbx_nmr_spectrometer.type              ? 
_pdbx_nmr_spectrometer.manufacturer      Bruker 
_pdbx_nmr_spectrometer.model             DMX 
_pdbx_nmr_spectrometer.field_strength    600 
# 
_atom_sites.entry_id                    1XSU 
_atom_sites.fract_transf_matrix[1][1]   1.000000 
_atom_sites.fract_transf_matrix[1][2]   0.000000 
_atom_sites.fract_transf_matrix[1][3]   0.000000 
_atom_sites.fract_transf_matrix[2][1]   0.000000 
_atom_sites.fract_transf_matrix[2][2]   1.000000 
_atom_sites.fract_transf_matrix[2][3]   0.000000 
_atom_sites.fract_transf_matrix[3][1]   0.000000 
_atom_sites.fract_transf_matrix[3][2]   0.000000 
_atom_sites.fract_transf_matrix[3][3]   1.000000 
_atom_sites.fract_transf_vector[1]      0.00000 
_atom_sites.fract_transf_vector[2]      0.00000 
_atom_sites.fract_transf_vector[3]      0.00000 
# 
loop_
_atom_type.symbol 
C  
CO 
H  
N  
O  
P  
# 
loop_
_atom_site.group_PDB 
_atom_site.id 
_atom_site.type_symbol 
_atom_site.label_atom_id 
_atom_site.label_alt_id 
_atom_site.label_comp_id 
_atom_site.label_asym_id 
_atom_site.label_entity_id 
_atom_site.label_seq_id 
_atom_site.pdbx_PDB_ins_code 
_atom_site.Cartn_x 
_atom_site.Cartn_y 
_atom_site.Cartn_z 
_atom_site.occupancy 
_atom_site.B_iso_or_equiv 
_atom_site.pdbx_formal_charge 
_atom_site.auth_seq_id 
_atom_site.auth_comp_id 
_atom_site.auth_asym_id 
_atom_site.auth_atom_id 
_atom_site.pdbx_PDB_model_num 
ATOM   1   O  "O5'"  . G   A 1 1  ? -3.033  -18.957 5.177   1.00 0.00 ? 1  G   A "O5'"  1 
ATOM   2   C  "C5'"  . G   A 1 1  ? -3.734  -18.760 6.407   1.00 0.00 ? 1  G   A "C5'"  1 
ATOM   3   C  "C4'"  . G   A 1 1  ? -3.030  -17.741 7.297   1.00 0.00 ? 1  G   A "C4'"  1 
ATOM   4   O  "O4'"  . G   A 1 1  ? -1.932  -18.371 7.959   1.00 0.00 ? 1  G   A "O4'"  1 
ATOM   5   C  "C3'"  . G   A 1 1  ? -2.397  -16.578 6.555   1.00 0.00 ? 1  G   A "C3'"  1 
ATOM   6   O  "O3'"  . G   A 1 1  ? -3.359  -15.517 6.556   1.00 0.00 ? 1  G   A "O3'"  1 
ATOM   7   C  "C2'"  . G   A 1 1  ? -1.259  -16.146 7.466   1.00 0.00 ? 1  G   A "C2'"  1 
ATOM   8   O  "O2'"  . G   A 1 1  ? -1.719  -15.185 8.416   1.00 0.00 ? 1  G   A "O2'"  1 
ATOM   9   C  "C1'"  . G   A 1 1  ? -0.860  -17.441 8.169   1.00 0.00 ? 1  G   A "C1'"  1 
ATOM   10  N  N9     . G   A 1 1  ? 0.386   -18.012 7.619   1.00 0.00 ? 1  G   A N9     1 
ATOM   11  C  C8     . G   A 1 1  ? 0.713   -18.256 6.311   1.00 0.00 ? 1  G   A C8     1 
ATOM   12  N  N7     . G   A 1 1  ? 1.909   -18.754 6.152   1.00 0.00 ? 1  G   A N7     1 
ATOM   13  C  C5     . G   A 1 1  ? 2.408   -18.847 7.447   1.00 0.00 ? 1  G   A C5     1 
ATOM   14  C  C6     . G   A 1 1  ? 3.669   -19.320 7.906   1.00 0.00 ? 1  G   A C6     1 
ATOM   15  O  O6     . G   A 1 1  ? 4.607   -19.757 7.243   1.00 0.00 ? 1  G   A O6     1 
ATOM   16  N  N1     . G   A 1 1  ? 3.770   -19.245 9.287   1.00 0.00 ? 1  G   A N1     1 
ATOM   17  C  C2     . G   A 1 1  ? 2.784   -18.776 10.126  1.00 0.00 ? 1  G   A C2     1 
ATOM   18  N  N2     . G   A 1 1  ? 3.049   -18.781 11.433  1.00 0.00 ? 1  G   A N2     1 
ATOM   19  N  N3     . G   A 1 1  ? 1.599   -18.329 9.704   1.00 0.00 ? 1  G   A N3     1 
ATOM   20  C  C4     . G   A 1 1  ? 1.483   -18.396 8.356   1.00 0.00 ? 1  G   A C4     1 
ATOM   21  H  "H5'"  . G   A 1 1  ? -3.799  -19.710 6.937   1.00 0.00 ? 1  G   A "H5'"  1 
ATOM   22  H  "H5''" . G   A 1 1  ? -4.742  -18.404 6.190   1.00 0.00 ? 1  G   A "H5''" 1 
ATOM   23  H  "H4'"  . G   A 1 1  ? -3.734  -17.379 8.046   1.00 0.00 ? 1  G   A "H4'"  1 
ATOM   24  H  "H3'"  . G   A 1 1  ? -2.071  -16.828 5.548   1.00 0.00 ? 1  G   A "H3'"  1 
ATOM   25  H  "H2'"  . G   A 1 1  ? -0.426  -15.758 6.884   1.00 0.00 ? 1  G   A "H2'"  1 
ATOM   26  H  "HO2'" . G   A 1 1  ? -2.153  -15.668 9.123   1.00 0.00 ? 1  G   A "HO2'" 1 
ATOM   27  H  "H1'"  . G   A 1 1  ? -0.736  -17.269 9.237   1.00 0.00 ? 1  G   A "H1'"  1 
ATOM   28  H  H8     . G   A 1 1  ? 0.038   -18.053 5.480   1.00 0.00 ? 1  G   A H8     1 
ATOM   29  H  H1     . G   A 1 1  ? 4.637   -19.555 9.702   1.00 0.00 ? 1  G   A H1     1 
ATOM   30  H  H21    . G   A 1 1  ? 3.907   -19.190 11.772  1.00 0.00 ? 1  G   A H21    1 
ATOM   31  H  H22    . G   A 1 1  ? 2.389   -18.380 12.082  1.00 0.00 ? 1  G   A H22    1 
ATOM   32  H  "HO5'" . G   A 1 1  ? -2.247  -19.472 5.376   1.00 0.00 ? 1  G   A "HO5'" 1 
ATOM   33  P  P      . G   A 1 2  ? -2.993  -14.071 5.948   1.00 0.00 ? 2  G   A P      1 
ATOM   34  O  OP1    . G   A 1 2  ? -4.247  -13.430 5.494   1.00 0.00 ? 2  G   A OP1    1 
ATOM   35  O  OP2    . G   A 1 2  ? -1.866  -14.237 5.004   1.00 0.00 ? 2  G   A OP2    1 
ATOM   36  O  "O5'"  . G   A 1 2  ? -2.458  -13.271 7.238   1.00 0.00 ? 2  G   A "O5'"  1 
ATOM   37  C  "C5'"  . G   A 1 2  ? -3.367  -12.810 8.243   1.00 0.00 ? 2  G   A "C5'"  1 
ATOM   38  C  "C4'"  . G   A 1 2  ? -2.627  -12.348 9.494   1.00 0.00 ? 2  G   A "C4'"  1 
ATOM   39  O  "O4'"  . G   A 1 2  ? -1.670  -13.347 9.863   1.00 0.00 ? 2  G   A "O4'"  1 
ATOM   40  C  "C3'"  . G   A 1 2  ? -1.802  -11.084 9.312   1.00 0.00 ? 2  G   A "C3'"  1 
ATOM   41  O  "O3'"  . G   A 1 2  ? -2.607  -9.987  9.753   1.00 0.00 ? 2  G   A "O3'"  1 
ATOM   42  C  "C2'"  . G   A 1 2  ? -0.678  -11.251 10.320  1.00 0.00 ? 2  G   A "C2'"  1 
ATOM   43  O  "O2'"  . G   A 1 2  ? -1.114  -10.870 11.628  1.00 0.00 ? 2  G   A "O2'"  1 
ATOM   44  C  "C1'"  . G   A 1 2  ? -0.424  -12.754 10.255  1.00 0.00 ? 2  G   A "C1'"  1 
ATOM   45  N  N9     . G   A 1 2  ? 0.590   -13.102 9.245   1.00 0.00 ? 2  G   A N9     1 
ATOM   46  C  C8     . G   A 1 2  ? 0.395   -13.484 7.946   1.00 0.00 ? 2  G   A C8     1 
ATOM   47  N  N7     . G   A 1 2  ? 1.499   -13.728 7.298   1.00 0.00 ? 2  G   A N7     1 
ATOM   48  C  C5     . G   A 1 2  ? 2.498   -13.490 8.235   1.00 0.00 ? 2  G   A C5     1 
ATOM   49  C  C6     . G   A 1 2  ? 3.911   -13.592 8.109   1.00 0.00 ? 2  G   A C6     1 
ATOM   50  O  O6     . G   A 1 2  ? 4.567   -13.920 7.123   1.00 0.00 ? 2  G   A O6     1 
ATOM   51  N  N1     . G   A 1 2  ? 4.554   -13.264 9.292   1.00 0.00 ? 2  G   A N1     1 
ATOM   52  C  C2     . G   A 1 2  ? 3.924   -12.886 10.455  1.00 0.00 ? 2  G   A C2     1 
ATOM   53  N  N2     . G   A 1 2  ? 4.703   -12.606 11.501  1.00 0.00 ? 2  G   A N2     1 
ATOM   54  N  N3     . G   A 1 2  ? 2.597   -12.788 10.586  1.00 0.00 ? 2  G   A N3     1 
ATOM   55  C  C4     . G   A 1 2  ? 1.952   -13.104 9.436   1.00 0.00 ? 2  G   A C4     1 
ATOM   56  H  "H5'"  . G   A 1 2  ? -4.044  -13.621 8.509   1.00 0.00 ? 2  G   A "H5'"  1 
ATOM   57  H  "H5''" . G   A 1 2  ? -3.947  -11.977 7.844   1.00 0.00 ? 2  G   A "H5''" 1 
ATOM   58  H  "H4'"  . G   A 1 2  ? -3.344  -12.225 10.306  1.00 0.00 ? 2  G   A "H4'"  1 
ATOM   59  H  "H3'"  . G   A 1 2  ? -1.449  -10.942 8.290   1.00 0.00 ? 2  G   A "H3'"  1 
ATOM   60  H  "H2'"  . G   A 1 2  ? 0.207   -10.690 10.020  1.00 0.00 ? 2  G   A "H2'"  1 
ATOM   61  H  "HO2'" . G   A 1 2  ? -1.470  -9.980  11.561  1.00 0.00 ? 2  G   A "HO2'" 1 
ATOM   62  H  "H1'"  . G   A 1 2  ? -0.122  -13.148 11.222  1.00 0.00 ? 2  G   A "H1'"  1 
ATOM   63  H  H8     . G   A 1 2  ? -0.595  -13.577 7.497   1.00 0.00 ? 2  G   A H8     1 
ATOM   64  H  H1     . G   A 1 2  ? 5.564   -13.310 9.294   1.00 0.00 ? 2  G   A H1     1 
ATOM   65  H  H21    . G   A 1 2  ? 5.703   -12.727 11.432  1.00 0.00 ? 2  G   A H21    1 
ATOM   66  H  H22    . G   A 1 2  ? 4.293   -12.272 12.361  1.00 0.00 ? 2  G   A H22    1 
ATOM   67  P  P      . A   A 1 3  ? -2.649  -8.616  8.911   1.00 0.00 ? 3  A   A P      1 
ATOM   68  O  OP1    . A   A 1 3  ? -3.768  -7.792  9.424   1.00 0.00 ? 3  A   A OP1    1 
ATOM   69  O  OP2    . A   A 1 3  ? -2.580  -8.953  7.472   1.00 0.00 ? 3  A   A OP2    1 
ATOM   70  O  "O5'"  . A   A 1 3  ? -1.268  -7.905  9.330   1.00 0.00 ? 3  A   A "O5'"  1 
ATOM   71  C  "C5'"  . A   A 1 3  ? -1.136  -7.279  10.608  1.00 0.00 ? 3  A   A "C5'"  1 
ATOM   72  C  "C4'"  . A   A 1 3  ? 0.326   -7.070  10.988  1.00 0.00 ? 3  A   A "C4'"  1 
ATOM   73  O  "O4'"  . A   A 1 3  ? 1.027   -8.314  10.898  1.00 0.00 ? 3  A   A "O4'"  1 
ATOM   74  C  "C3'"  . A   A 1 3  ? 1.104   -6.153  10.064  1.00 0.00 ? 3  A   A "C3'"  1 
ATOM   75  O  "O3'"  . A   A 1 3  ? 0.975   -4.824  10.574  1.00 0.00 ? 3  A   A "O3'"  1 
ATOM   76  C  "C2'"  . A   A 1 3  ? 2.540   -6.590  10.299  1.00 0.00 ? 3  A   A "C2'"  1 
ATOM   77  O  "O2'"  . A   A 1 3  ? 3.052   -6.011  11.501  1.00 0.00 ? 3  A   A "O2'"  1 
ATOM   78  C  "C1'"  . A   A 1 3  ? 2.380   -8.102  10.456  1.00 0.00 ? 3  A   A "C1'"  1 
ATOM   79  N  N9     . A   A 1 3  ? 2.586   -8.821  9.184   1.00 0.00 ? 3  A   A N9     1 
ATOM   80  C  C8     . A   A 1 3  ? 1.649   -9.232  8.269   1.00 0.00 ? 3  A   A C8     1 
ATOM   81  N  N7     . A   A 1 3  ? 2.160   -9.845  7.237   1.00 0.00 ? 3  A   A N7     1 
ATOM   82  C  C5     . A   A 1 3  ? 3.528   -9.837  7.489   1.00 0.00 ? 3  A   A C5     1 
ATOM   83  C  C6     . A   A 1 3  ? 4.630   -10.333 6.774   1.00 0.00 ? 3  A   A C6     1 
ATOM   84  N  N6     . A   A 1 3  ? 4.527   -10.964 5.605   1.00 0.00 ? 3  A   A N6     1 
ATOM   85  N  N1     . A   A 1 3  ? 5.851   -10.158 7.306   1.00 0.00 ? 3  A   A N1     1 
ATOM   86  C  C2     . A   A 1 3  ? 5.962   -9.532  8.472   1.00 0.00 ? 3  A   A C2     1 
ATOM   87  N  N3     . A   A 1 3  ? 5.010   -9.021  9.239   1.00 0.00 ? 3  A   A N3     1 
ATOM   88  C  C4     . A   A 1 3  ? 3.799   -9.215  8.674   1.00 0.00 ? 3  A   A C4     1 
ATOM   89  H  "H5'"  . A   A 1 3  ? -1.613  -7.906  11.361  1.00 0.00 ? 3  A   A "H5'"  1 
ATOM   90  H  "H5''" . A   A 1 3  ? -1.638  -6.311  10.583  1.00 0.00 ? 3  A   A "H5''" 1 
ATOM   91  H  "H4'"  . A   A 1 3  ? 0.375   -6.710  12.016  1.00 0.00 ? 3  A   A "H4'"  1 
ATOM   92  H  "H3'"  . A   A 1 3  ? 0.794   -6.222  9.022   1.00 0.00 ? 3  A   A "H3'"  1 
ATOM   93  H  "H2'"  . A   A 1 3  ? 3.169   -6.351  9.445   1.00 0.00 ? 3  A   A "H2'"  1 
ATOM   94  H  "HO2'" . A   A 1 3  ? 2.690   -6.511  12.236  1.00 0.00 ? 3  A   A "HO2'" 1 
ATOM   95  H  "H1'"  . A   A 1 3  ? 3.071   -8.490  11.203  1.00 0.00 ? 3  A   A "H1'"  1 
ATOM   96  H  H8     . A   A 1 3  ? 0.580   -9.061  8.392   1.00 0.00 ? 3  A   A H8     1 
ATOM   97  H  H61    . A   A 1 3  ? 5.358   -11.282 5.128   1.00 0.00 ? 3  A   A H61    1 
ATOM   98  H  H62    . A   A 1 3  ? 3.617   -11.123 5.195   1.00 0.00 ? 3  A   A H62    1 
ATOM   99  H  H2     . A   A 1 3  ? 6.979   -9.422  8.850   1.00 0.00 ? 3  A   A H2     1 
ATOM   100 P  P      . A   A 1 4  ? 0.878   -3.572  9.567   1.00 0.00 ? 4  A   A P      1 
ATOM   101 O  OP1    . A   A 1 4  ? 0.431   -2.390  10.337  1.00 0.00 ? 4  A   A OP1    1 
ATOM   102 O  OP2    . A   A 1 4  ? 0.123   -3.999  8.368   1.00 0.00 ? 4  A   A OP2    1 
ATOM   103 O  "O5'"  . A   A 1 4  ? 2.414   -3.346  9.140   1.00 0.00 ? 4  A   A "O5'"  1 
ATOM   104 C  "C5'"  . A   A 1 4  ? 3.341   -2.764  10.060  1.00 0.00 ? 4  A   A "C5'"  1 
ATOM   105 C  "C4'"  . A   A 1 4  ? 4.777   -3.170  9.745   1.00 0.00 ? 4  A   A "C4'"  1 
ATOM   106 O  "O4'"  . A   A 1 4  ? 4.816   -4.559  9.408   1.00 0.00 ? 4  A   A "O4'"  1 
ATOM   107 C  "C3'"  . A   A 1 4  ? 5.383   -2.490  8.532   1.00 0.00 ? 4  A   A "C3'"  1 
ATOM   108 O  "O3'"  . A   A 1 4  ? 6.022   -1.295  8.987   1.00 0.00 ? 4  A   A "O3'"  1 
ATOM   109 C  "C2'"  . A   A 1 4  ? 6.478   -3.458  8.119   1.00 0.00 ? 4  A   A "C2'"  1 
ATOM   110 O  "O2'"  . A   A 1 4  ? 7.647   -3.267  8.920   1.00 0.00 ? 4  A   A "O2'"  1 
ATOM   111 C  "C1'"  . A   A 1 4  ? 5.835   -4.814  8.423   1.00 0.00 ? 4  A   A "C1'"  1 
ATOM   112 N  N9     . A   A 1 4  ? 5.205   -5.411  7.231   1.00 0.00 ? 4  A   A N9     1 
ATOM   113 C  C8     . A   A 1 4  ? 3.874   -5.469  6.899   1.00 0.00 ? 4  A   A C8     1 
ATOM   114 N  N7     . A   A 1 4  ? 3.644   -6.071  5.765   1.00 0.00 ? 4  A   A N7     1 
ATOM   115 C  C5     . A   A 1 4  ? 4.908   -6.434  5.317   1.00 0.00 ? 4  A   A C5     1 
ATOM   116 C  C6     . A   A 1 4  ? 5.355   -7.106  4.168   1.00 0.00 ? 4  A   A C6     1 
ATOM   117 N  N6     . A   A 1 4  ? 4.539   -7.555  3.214   1.00 0.00 ? 4  A   A N6     1 
ATOM   118 N  N1     . A   A 1 4  ? 6.676   -7.302  4.032   1.00 0.00 ? 4  A   A N1     1 
ATOM   119 C  C2     . A   A 1 4  ? 7.495   -6.859  4.978   1.00 0.00 ? 4  A   A C2     1 
ATOM   120 N  N3     . A   A 1 4  ? 7.203   -6.217  6.099   1.00 0.00 ? 4  A   A N3     1 
ATOM   121 C  C4     . A   A 1 4  ? 5.868   -6.036  6.203   1.00 0.00 ? 4  A   A C4     1 
ATOM   122 H  "H5'"  . A   A 1 4  ? 3.092   -3.092  11.070  1.00 0.00 ? 4  A   A "H5'"  1 
ATOM   123 H  "H5''" . A   A 1 4  ? 3.258   -1.678  10.008  1.00 0.00 ? 4  A   A "H5''" 1 
ATOM   124 H  "H4'"  . A   A 1 4  ? 5.395   -3.001  10.627  1.00 0.00 ? 4  A   A "H4'"  1 
ATOM   125 H  "H3'"  . A   A 1 4  ? 4.660   -2.289  7.741   1.00 0.00 ? 4  A   A "H3'"  1 
ATOM   126 H  "H2'"  . A   A 1 4  ? 6.707   -3.364  7.058   1.00 0.00 ? 4  A   A "H2'"  1 
ATOM   127 H  "HO2'" . A   A 1 4  ? 7.484   -3.687  9.768   1.00 0.00 ? 4  A   A "HO2'" 1 
ATOM   128 H  "H1'"  . A   A 1 4  ? 6.567   -5.510  8.831   1.00 0.00 ? 4  A   A "H1'"  1 
ATOM   129 H  H8     . A   A 1 4  ? 3.084   -5.050  7.523   1.00 0.00 ? 4  A   A H8     1 
ATOM   130 H  H61    . A   A 1 4  ? 4.920   -8.028  2.406   1.00 0.00 ? 4  A   A H61    1 
ATOM   131 H  H62    . A   A 1 4  ? 3.542   -7.423  3.298   1.00 0.00 ? 4  A   A H62    1 
ATOM   132 H  H2     . A   A 1 4  ? 8.555   -7.048  4.808   1.00 0.00 ? 4  A   A H2     1 
ATOM   133 P  P      . G   A 1 5  ? 6.081   0.008   8.043   1.00 0.00 ? 5  G   A P      1 
ATOM   134 O  OP1    . G   A 1 5  ? 6.623   1.132   8.838   1.00 0.00 ? 5  G   A OP1    1 
ATOM   135 O  OP2    . G   A 1 5  ? 4.773   0.148   7.364   1.00 0.00 ? 5  G   A OP2    1 
ATOM   136 O  "O5'"  . G   A 1 5  ? 7.179   -0.406  6.940   1.00 0.00 ? 5  G   A "O5'"  1 
ATOM   137 C  "C5'"  . G   A 1 5  ? 8.494   -0.797  7.341   1.00 0.00 ? 5  G   A "C5'"  1 
ATOM   138 C  "C4'"  . G   A 1 5  ? 9.351   -1.205  6.147   1.00 0.00 ? 5  G   A "C4'"  1 
ATOM   139 O  "O4'"  . G   A 1 5  ? 8.893   -2.459  5.639   1.00 0.00 ? 5  G   A "O4'"  1 
ATOM   140 C  "C3'"  . G   A 1 5  ? 9.263   -0.283  4.946   1.00 0.00 ? 5  G   A "C3'"  1 
ATOM   141 O  "O3'"  . G   A 1 5  ? 10.280  0.711   5.099   1.00 0.00 ? 5  G   A "O3'"  1 
ATOM   142 C  "C2'"  . G   A 1 5  ? 9.687   -1.184  3.796   1.00 0.00 ? 5  G   A "C2'"  1 
ATOM   143 O  "O2'"  . G   A 1 5  ? 11.113  -1.233  3.699   1.00 0.00 ? 5  G   A "O2'"  1 
ATOM   144 C  "C1'"  . G   A 1 5  ? 9.131   -2.546  4.224   1.00 0.00 ? 5  G   A "C1'"  1 
ATOM   145 N  N9     . G   A 1 5  ? 7.858   -2.866  3.548   1.00 0.00 ? 5  G   A N9     1 
ATOM   146 C  C8     . G   A 1 5  ? 6.577   -2.714  4.014   1.00 0.00 ? 5  G   A C8     1 
ATOM   147 N  N7     . G   A 1 5  ? 5.662   -3.096  3.169   1.00 0.00 ? 5  G   A N7     1 
ATOM   148 C  C5     . G   A 1 5  ? 6.385   -3.530  2.064   1.00 0.00 ? 5  G   A C5     1 
ATOM   149 C  C6     . G   A 1 5  ? 5.928   -4.059  0.824   1.00 0.00 ? 5  G   A C6     1 
ATOM   150 O  O6     . G   A 1 5  ? 4.771   -4.252  0.458   1.00 0.00 ? 5  G   A O6     1 
ATOM   151 N  N1     . G   A 1 5  ? 6.983   -4.373  -0.017  1.00 0.00 ? 5  G   A N1     1 
ATOM   152 C  C2     . G   A 1 5  ? 8.315   -4.201  0.289   1.00 0.00 ? 5  G   A C2     1 
ATOM   153 N  N2     . G   A 1 5  ? 9.200   -4.555  -0.644  1.00 0.00 ? 5  G   A N2     1 
ATOM   154 N  N3     . G   A 1 5  ? 8.755   -3.706  1.448   1.00 0.00 ? 5  G   A N3     1 
ATOM   155 C  C4     . G   A 1 5  ? 7.735   -3.394  2.285   1.00 0.00 ? 5  G   A C4     1 
ATOM   156 H  "H5'"  . G   A 1 5  ? 8.421   -1.639  8.029   1.00 0.00 ? 5  G   A "H5'"  1 
ATOM   157 H  "H5''" . G   A 1 5  ? 8.972   0.039   7.852   1.00 0.00 ? 5  G   A "H5''" 1 
ATOM   158 H  "H4'"  . G   A 1 5  ? 10.386  -1.311  6.474   1.00 0.00 ? 5  G   A "H4'"  1 
ATOM   159 H  "H3'"  . G   A 1 5  ? 8.277   0.159   4.811   1.00 0.00 ? 5  G   A "H3'"  1 
ATOM   160 H  "H2'"  . G   A 1 5  ? 9.241   -0.856  2.858   1.00 0.00 ? 5  G   A "H2'"  1 
ATOM   161 H  "HO2'" . G   A 1 5  ? 11.463  -1.135  4.588   1.00 0.00 ? 5  G   A "HO2'" 1 
ATOM   162 H  "H1'"  . G   A 1 5  ? 9.852   -3.340  4.027   1.00 0.00 ? 5  G   A "H1'"  1 
ATOM   163 H  H8     . G   A 1 5  ? 6.347   -2.309  5.000   1.00 0.00 ? 5  G   A H8     1 
ATOM   164 H  H1     . G   A 1 5  ? 6.751   -4.756  -0.922  1.00 0.00 ? 5  G   A H1     1 
ATOM   165 H  H21    . G   A 1 5  ? 8.881   -4.857  -1.552  1.00 0.00 ? 5  G   A H21    1 
ATOM   166 H  H22    . G   A 1 5  ? 10.188  -4.520  -0.441  1.00 0.00 ? 5  G   A H22    1 
ATOM   167 P  P      . C   A 1 6  ? 10.195  2.099   4.286   1.00 0.00 ? 6  C   A P      1 
ATOM   168 O  OP1    . C   A 1 6  ? 11.491  2.799   4.429   1.00 0.00 ? 6  C   A OP1    1 
ATOM   169 O  OP2    . C   A 1 6  ? 8.941   2.785   4.668   1.00 0.00 ? 6  C   A OP2    1 
ATOM   170 O  "O5'"  . C   A 1 6  ? 10.054  1.607   2.759   1.00 0.00 ? 6  C   A "O5'"  1 
ATOM   171 C  "C5'"  . C   A 1 6  ? 11.211  1.248   2.000   1.00 0.00 ? 6  C   A "C5'"  1 
ATOM   172 C  "C4'"  . C   A 1 6  ? 10.870  1.022   0.530   1.00 0.00 ? 6  C   A "C4'"  1 
ATOM   173 O  "O4'"  . C   A 1 6  ? 9.804   0.088   0.438   1.00 0.00 ? 6  C   A "O4'"  1 
ATOM   174 C  "C3'"  . C   A 1 6  ? 10.355  2.257   -0.211  1.00 0.00 ? 6  C   A "C3'"  1 
ATOM   175 O  "O3'"  . C   A 1 6  ? 11.390  2.656   -1.117  1.00 0.00 ? 6  C   A "O3'"  1 
ATOM   176 C  "C2'"  . C   A 1 6  ? 9.182   1.761   -1.073  1.00 0.00 ? 6  C   A "C2'"  1 
ATOM   177 O  "O2'"  . C   A 1 6  ? 9.443   2.019   -2.456  1.00 0.00 ? 6  C   A "O2'"  1 
ATOM   178 C  "C1'"  . C   A 1 6  ? 9.154   0.256   -0.813  1.00 0.00 ? 6  C   A "C1'"  1 
ATOM   179 N  N1     . C   A 1 6  ? 7.776   -0.275  -0.708  1.00 0.00 ? 6  C   A N1     1 
ATOM   180 C  C2     . C   A 1 6  ? 7.158   -0.720  -1.871  1.00 0.00 ? 6  C   A C2     1 
ATOM   181 O  O2     . C   A 1 6  ? 7.757   -0.673  -2.944  1.00 0.00 ? 6  C   A O2     1 
ATOM   182 N  N3     . C   A 1 6  ? 5.890   -1.206  -1.794  1.00 0.00 ? 6  C   A N3     1 
ATOM   183 C  C4     . C   A 1 6  ? 5.247   -1.253  -0.619  1.00 0.00 ? 6  C   A C4     1 
ATOM   184 N  N4     . C   A 1 6  ? 4.003   -1.736  -0.609  1.00 0.00 ? 6  C   A N4     1 
ATOM   185 C  C5     . C   A 1 6  ? 5.875   -0.797  0.583   1.00 0.00 ? 6  C   A C5     1 
ATOM   186 C  C6     . C   A 1 6  ? 7.131   -0.320  0.494   1.00 0.00 ? 6  C   A C6     1 
ATOM   187 H  "H5'"  . C   A 1 6  ? 11.636  0.332   2.411   1.00 0.00 ? 6  C   A "H5'"  1 
ATOM   188 H  "H5''" . C   A 1 6  ? 11.948  2.047   2.076   1.00 0.00 ? 6  C   A "H5''" 1 
ATOM   189 H  "H4'"  . C   A 1 6  ? 11.745  0.612   0.025   1.00 0.00 ? 6  C   A "H4'"  1 
ATOM   190 H  "H3'"  . C   A 1 6  ? 10.077  3.072   0.458   1.00 0.00 ? 6  C   A "H3'"  1 
ATOM   191 H  "H2'"  . C   A 1 6  ? 8.248   2.226   -0.760  1.00 0.00 ? 6  C   A "H2'"  1 
ATOM   192 H  "HO2'" . C   A 1 6  ? 10.313  2.421   -2.512  1.00 0.00 ? 6  C   A "HO2'" 1 
ATOM   193 H  "H1'"  . C   A 1 6  ? 9.705   -0.287  -1.583  1.00 0.00 ? 6  C   A "H1'"  1 
ATOM   194 H  H41    . C   A 1 6  ? 3.653   -2.246  -1.407  1.00 0.00 ? 6  C   A H41    1 
ATOM   195 H  H42    . C   A 1 6  ? 3.413   -1.590  0.197   1.00 0.00 ? 6  C   A H42    1 
ATOM   196 H  H5     . C   A 1 6  ? 5.361   -0.831  1.543   1.00 0.00 ? 6  C   A H5     1 
ATOM   197 H  H6     . C   A 1 6  ? 7.638   0.036   1.391   1.00 0.00 ? 6  C   A H6     1 
ATOM   198 P  P      . U   A 1 7  ? 12.531  3.696   -0.658  1.00 0.00 ? 7  U   A P      1 
ATOM   199 O  OP1    . U   A 1 7  ? 13.054  4.373   -1.866  1.00 0.00 ? 7  U   A OP1    1 
ATOM   200 O  OP2    . U   A 1 7  ? 13.460  2.993   0.253   1.00 0.00 ? 7  U   A OP2    1 
ATOM   201 O  "O5'"  . U   A 1 7  ? 11.701  4.775   0.202   1.00 0.00 ? 7  U   A "O5'"  1 
ATOM   202 C  "C5'"  . U   A 1 7  ? 11.263  5.995   -0.400  1.00 0.00 ? 7  U   A "C5'"  1 
ATOM   203 C  "C4'"  . U   A 1 7  ? 10.084  5.764   -1.339  1.00 0.00 ? 7  U   A "C4'"  1 
ATOM   204 O  "O4'"  . U   A 1 7  ? 8.999   5.187   -0.596  1.00 0.00 ? 7  U   A "O4'"  1 
ATOM   205 C  "C3'"  . U   A 1 7  ? 9.509   7.034   -1.959  1.00 0.00 ? 7  U   A "C3'"  1 
ATOM   206 O  "O3'"  . U   A 1 7  ? 8.916   6.656   -3.206  1.00 0.00 ? 7  U   A "O3'"  1 
ATOM   207 C  "C2'"  . U   A 1 7  ? 8.371   7.406   -1.024  1.00 0.00 ? 7  U   A "C2'"  1 
ATOM   208 O  "O2'"  . U   A 1 7  ? 7.375   8.159   -1.718  1.00 0.00 ? 7  U   A "O2'"  1 
ATOM   209 C  "C1'"  . U   A 1 7  ? 7.840   6.030   -0.643  1.00 0.00 ? 7  U   A "C1'"  1 
ATOM   210 N  N1     . U   A 1 7  ? 7.176   6.013   0.680   1.00 0.00 ? 7  U   A N1     1 
ATOM   211 C  C2     . U   A 1 7  ? 6.204   6.967   0.920   1.00 0.00 ? 7  U   A C2     1 
ATOM   212 O  O2     . U   A 1 7  ? 5.895   7.819   0.090   1.00 0.00 ? 7  U   A O2     1 
ATOM   213 N  N3     . U   A 1 7  ? 5.594   6.912   2.158   1.00 0.00 ? 7  U   A N3     1 
ATOM   214 C  C4     . U   A 1 7  ? 5.865   6.000   3.161   1.00 0.00 ? 7  U   A C4     1 
ATOM   215 O  O4     . U   A 1 7  ? 5.249   6.051   4.222   1.00 0.00 ? 7  U   A O4     1 
ATOM   216 C  C5     . U   A 1 7  ? 6.891   5.035   2.836   1.00 0.00 ? 7  U   A C5     1 
ATOM   217 C  C6     . U   A 1 7  ? 7.503   5.073   1.626   1.00 0.00 ? 7  U   A C6     1 
ATOM   218 H  "H5'"  . U   A 1 7  ? 12.088  6.431   -0.964  1.00 0.00 ? 7  U   A "H5'"  1 
ATOM   219 H  "H5''" . U   A 1 7  ? 10.962  6.691   0.385   1.00 0.00 ? 7  U   A "H5''" 1 
ATOM   220 H  "H4'"  . U   A 1 7  ? 10.389  5.065   -2.118  1.00 0.00 ? 7  U   A "H4'"  1 
ATOM   221 H  "H3'"  . U   A 1 7  ? 10.244  7.828   -2.084  1.00 0.00 ? 7  U   A "H3'"  1 
ATOM   222 H  "H2'"  . U   A 1 7  ? 8.740   7.942   -0.150  1.00 0.00 ? 7  U   A "H2'"  1 
ATOM   223 H  "HO2'" . U   A 1 7  ? 6.947   7.564   -2.338  1.00 0.00 ? 7  U   A "HO2'" 1 
ATOM   224 H  "H1'"  . U   A 1 7  ? 7.151   5.654   -1.399  1.00 0.00 ? 7  U   A "H1'"  1 
ATOM   225 H  H3     . U   A 1 7  ? 4.881   7.602   2.349   1.00 0.00 ? 7  U   A H3     1 
ATOM   226 H  H5     . U   A 1 7  ? 7.172   4.275   3.564   1.00 0.00 ? 7  U   A H5     1 
ATOM   227 H  H6     . U   A 1 7  ? 8.273   4.337   1.399   1.00 0.00 ? 7  U   A H6     1 
ATOM   228 P  P      . C   A 1 8  ? 9.027   7.615   -4.494  1.00 0.00 ? 8  C   A P      1 
ATOM   229 O  OP1    . C   A 1 8  ? 9.957   8.721   -4.171  1.00 0.00 ? 8  C   A OP1    1 
ATOM   230 O  OP2    . C   A 1 8  ? 7.658   7.916   -4.967  1.00 0.00 ? 8  C   A OP2    1 
ATOM   231 O  "O5'"  . C   A 1 8  ? 9.739   6.659   -5.578  1.00 0.00 ? 8  C   A "O5'"  1 
ATOM   232 C  "C5'"  . C   A 1 8  ? 9.576   5.238   -5.515  1.00 0.00 ? 8  C   A "C5'"  1 
ATOM   233 C  "C4'"  . C   A 1 8  ? 8.443   4.763   -6.419  1.00 0.00 ? 8  C   A "C4'"  1 
ATOM   234 O  "O4'"  . C   A 1 8  ? 8.041   3.459   -6.026  1.00 0.00 ? 8  C   A "O4'"  1 
ATOM   235 C  "C3'"  . C   A 1 8  ? 7.164   5.570   -6.320  1.00 0.00 ? 8  C   A "C3'"  1 
ATOM   236 O  "O3'"  . C   A 1 8  ? 7.208   6.548   -7.363  1.00 0.00 ? 8  C   A "O3'"  1 
ATOM   237 C  "C2'"  . C   A 1 8  ? 6.061   4.575   -6.689  1.00 0.00 ? 8  C   A "C2'"  1 
ATOM   238 O  "O2'"  . C   A 1 8  ? 5.658   4.765   -8.048  1.00 0.00 ? 8  C   A "O2'"  1 
ATOM   239 C  "C1'"  . C   A 1 8  ? 6.724   3.203   -6.519  1.00 0.00 ? 8  C   A "C1'"  1 
ATOM   240 N  N1     . C   A 1 8  ? 6.005   2.367   -5.526  1.00 0.00 ? 8  C   A N1     1 
ATOM   241 C  C2     . C   A 1 8  ? 5.302   1.253   -5.976  1.00 0.00 ? 8  C   A C2     1 
ATOM   242 O  O2     . C   A 1 8  ? 5.294   0.969   -7.172  1.00 0.00 ? 8  C   A O2     1 
ATOM   243 N  N3     . C   A 1 8  ? 4.631   0.492   -5.067  1.00 0.00 ? 8  C   A N3     1 
ATOM   244 C  C4     . C   A 1 8  ? 4.647   0.810   -3.766  1.00 0.00 ? 8  C   A C4     1 
ATOM   245 N  N4     . C   A 1 8  ? 3.960   0.036   -2.926  1.00 0.00 ? 8  C   A N4     1 
ATOM   246 C  C5     . C   A 1 8  ? 5.370   1.952   -3.296  1.00 0.00 ? 8  C   A C5     1 
ATOM   247 C  C6     . C   A 1 8  ? 6.027   2.697   -4.204  1.00 0.00 ? 8  C   A C6     1 
ATOM   248 H  "H5'"  . C   A 1 8  ? 9.356   4.950   -4.487  1.00 0.00 ? 8  C   A "H5'"  1 
ATOM   249 H  "H5''" . C   A 1 8  ? 10.505  4.760   -5.827  1.00 0.00 ? 8  C   A "H5''" 1 
ATOM   250 H  "H4'"  . C   A 1 8  ? 8.797   4.732   -7.449  1.00 0.00 ? 8  C   A "H4'"  1 
ATOM   251 H  "H3'"  . C   A 1 8  ? 7.020   6.030   -5.342  1.00 0.00 ? 8  C   A "H3'"  1 
ATOM   252 H  "H2'"  . C   A 1 8  ? 5.211   4.677   -6.012  1.00 0.00 ? 8  C   A "H2'"  1 
ATOM   253 H  "HO2'" . C   A 1 8  ? 6.450   4.721   -8.588  1.00 0.00 ? 8  C   A "HO2'" 1 
ATOM   254 H  "H1'"  . C   A 1 8  ? 6.795   2.682   -7.477  1.00 0.00 ? 8  C   A "H1'"  1 
ATOM   255 H  H41    . C   A 1 8  ? 3.396   -0.722  -3.285  1.00 0.00 ? 8  C   A H41    1 
ATOM   256 H  H42    . C   A 1 8  ? 4.005   0.205   -1.932  1.00 0.00 ? 8  C   A H42    1 
ATOM   257 H  H5     . C   A 1 8  ? 5.400   2.213   -2.238  1.00 0.00 ? 8  C   A H5     1 
ATOM   258 H  H6     . C   A 1 8  ? 6.573   3.583   -3.883  1.00 0.00 ? 8  C   A H6     1 
ATOM   259 P  P      . G   A 1 9  ? 6.072   7.685   -7.468  1.00 0.00 ? 9  G   A P      1 
ATOM   260 O  OP1    . G   A 1 9  ? 6.665   8.873   -8.121  1.00 0.00 ? 9  G   A OP1    1 
ATOM   261 O  OP2    . G   A 1 9  ? 5.425   7.817   -6.142  1.00 0.00 ? 9  G   A OP2    1 
ATOM   262 O  "O5'"  . G   A 1 9  ? 5.010   7.028   -8.483  1.00 0.00 ? 9  G   A "O5'"  1 
ATOM   263 C  "C5'"  . G   A 1 9  ? 5.151   7.207   -9.895  1.00 0.00 ? 9  G   A "C5'"  1 
ATOM   264 C  "C4'"  . G   A 1 9  ? 4.055   6.478   -10.667 1.00 0.00 ? 9  G   A "C4'"  1 
ATOM   265 O  "O4'"  . G   A 1 9  ? 4.053   5.096   -10.289 1.00 0.00 ? 9  G   A "O4'"  1 
ATOM   266 C  "C3'"  . G   A 1 9  ? 2.643   6.949   -10.367 1.00 0.00 ? 9  G   A "C3'"  1 
ATOM   267 O  "O3'"  . G   A 1 9  ? 2.310   7.939   -11.344 1.00 0.00 ? 9  G   A "O3'"  1 
ATOM   268 C  "C2'"  . G   A 1 9  ? 1.800   5.723   -10.667 1.00 0.00 ? 9  G   A "C2'"  1 
ATOM   269 O  "O2'"  . G   A 1 9  ? 1.561   5.607   -12.072 1.00 0.00 ? 9  G   A "O2'"  1 
ATOM   270 C  "C1'"  . G   A 1 9  ? 2.709   4.594   -10.182 1.00 0.00 ? 9  G   A "C1'"  1 
ATOM   271 N  N9     . G   A 1 9  ? 2.453   4.240   -8.774  1.00 0.00 ? 9  G   A N9     1 
ATOM   272 C  C8     . G   A 1 9  ? 3.045   4.745   -7.645  1.00 0.00 ? 9  G   A C8     1 
ATOM   273 N  N7     . G   A 1 9  ? 2.596   4.223   -6.538  1.00 0.00 ? 9  G   A N7     1 
ATOM   274 C  C5     . G   A 1 9  ? 1.638   3.308   -6.963  1.00 0.00 ? 9  G   A C5     1 
ATOM   275 C  C6     . G   A 1 9  ? 0.809   2.438   -6.204  1.00 0.00 ? 9  G   A C6     1 
ATOM   276 O  O6     . G   A 1 9  ? 0.762   2.302   -4.983  1.00 0.00 ? 9  G   A O6     1 
ATOM   277 N  N1     . G   A 1 9  ? -0.017  1.680   -7.018  1.00 0.00 ? 9  G   A N1     1 
ATOM   278 C  C2     . G   A 1 9  ? -0.048  1.746   -8.392  1.00 0.00 ? 9  G   A C2     1 
ATOM   279 N  N2     . G   A 1 9  ? -0.910  0.943   -9.017  1.00 0.00 ? 9  G   A N2     1 
ATOM   280 N  N3     . G   A 1 9  ? 0.726   2.560   -9.116  1.00 0.00 ? 9  G   A N3     1 
ATOM   281 C  C4     . G   A 1 9  ? 1.541   3.310   -8.334  1.00 0.00 ? 9  G   A C4     1 
ATOM   282 H  "H5'"  . G   A 1 9  ? 6.122   6.822   -10.208 1.00 0.00 ? 9  G   A "H5'"  1 
ATOM   283 H  "H5''" . G   A 1 9  ? 5.100   8.271   -10.125 1.00 0.00 ? 9  G   A "H5''" 1 
ATOM   284 H  "H4'"  . G   A 1 9  ? 4.266   6.553   -11.734 1.00 0.00 ? 9  G   A "H4'"  1 
ATOM   285 H  "H3'"  . G   A 1 9  ? 2.518   7.324   -9.351  1.00 0.00 ? 9  G   A "H3'"  1 
ATOM   286 H  "H2'"  . G   A 1 9  ? 0.866   5.741   -10.107 1.00 0.00 ? 9  G   A "H2'"  1 
ATOM   287 H  "HO2'" . G   A 1 9  ? 1.461   4.673   -12.268 1.00 0.00 ? 9  G   A "HO2'" 1 
ATOM   288 H  "H1'"  . G   A 1 9  ? 2.602   3.707   -10.806 1.00 0.00 ? 9  G   A "H1'"  1 
ATOM   289 H  H8     . G   A 1 9  ? 3.817   5.514   -7.671  1.00 0.00 ? 9  G   A H8     1 
ATOM   290 H  H1     . G   A 1 9  ? -0.643  1.031   -6.561  1.00 0.00 ? 9  G   A H1     1 
ATOM   291 H  H21    . G   A 1 9  ? -1.466  0.289   -8.485  1.00 0.00 ? 9  G   A H21    1 
ATOM   292 H  H22    . G   A 1 9  ? -1.008  0.991   -10.021 1.00 0.00 ? 9  G   A H22    1 
ATOM   293 P  P      . G   A 1 10 ? 1.220   9.076   -11.015 1.00 0.00 ? 10 G   A P      1 
ATOM   294 O  OP1    . G   A 1 10 ? 1.102   9.962   -12.194 1.00 0.00 ? 10 G   A OP1    1 
ATOM   295 O  OP2    . G   A 1 10 ? 1.536   9.652   -9.689  1.00 0.00 ? 10 G   A OP2    1 
ATOM   296 O  "O5'"  . G   A 1 10 ? -0.144  8.230   -10.883 1.00 0.00 ? 10 G   A "O5'"  1 
ATOM   297 C  "C5'"  . G   A 1 10 ? -0.841  7.795   -12.054 1.00 0.00 ? 10 G   A "C5'"  1 
ATOM   298 C  "C4'"  . G   A 1 10 ? -1.902  6.750   -11.725 1.00 0.00 ? 10 G   A "C4'"  1 
ATOM   299 O  "O4'"  . G   A 1 10 ? -1.390  5.836   -10.754 1.00 0.00 ? 10 G   A "O4'"  1 
ATOM   300 C  "C3'"  . G   A 1 10 ? -3.158  7.292   -11.073 1.00 0.00 ? 10 G   A "C3'"  1 
ATOM   301 O  "O3'"  . G   A 1 10 ? -4.071  7.625   -12.123 1.00 0.00 ? 10 G   A "O3'"  1 
ATOM   302 C  "C2'"  . G   A 1 10 ? -3.723  6.076   -10.355 1.00 0.00 ? 10 G   A "C2'"  1 
ATOM   303 O  "O2'"  . G   A 1 10 ? -4.510  5.287   -11.251 1.00 0.00 ? 10 G   A "O2'"  1 
ATOM   304 C  "C1'"  . G   A 1 10 ? -2.458  5.317   -9.941  1.00 0.00 ? 10 G   A "C1'"  1 
ATOM   305 N  N9     . G   A 1 10 ? -2.124  5.528   -8.520  1.00 0.00 ? 10 G   A N9     1 
ATOM   306 C  C8     . G   A 1 10 ? -1.144  6.317   -7.976  1.00 0.00 ? 10 G   A C8     1 
ATOM   307 N  N7     . G   A 1 10 ? -1.109  6.286   -6.672  1.00 0.00 ? 10 G   A N7     1 
ATOM   308 C  C5     . G   A 1 10 ? -2.137  5.417   -6.329  1.00 0.00 ? 10 G   A C5     1 
ATOM   309 C  C6     . G   A 1 10 ? -2.581  4.990   -5.046  1.00 0.00 ? 10 G   A C6     1 
ATOM   310 O  O6     . G   A 1 10 ? -2.141  5.307   -3.943  1.00 0.00 ? 10 G   A O6     1 
ATOM   311 N  N1     . G   A 1 10 ? -3.647  4.110   -5.140  1.00 0.00 ? 10 G   A N1     1 
ATOM   312 C  C2     . G   A 1 10 ? -4.220  3.687   -6.319  1.00 0.00 ? 10 G   A C2     1 
ATOM   313 N  N2     . G   A 1 10 ? -5.243  2.837   -6.222  1.00 0.00 ? 10 G   A N2     1 
ATOM   314 N  N3     . G   A 1 10 ? -3.812  4.081   -7.528  1.00 0.00 ? 10 G   A N3     1 
ATOM   315 C  C4     . G   A 1 10 ? -2.768  4.944   -7.455  1.00 0.00 ? 10 G   A C4     1 
ATOM   316 H  "H5'"  . G   A 1 10 ? -0.124  7.367   -12.755 1.00 0.00 ? 10 G   A "H5'"  1 
ATOM   317 H  "H5''" . G   A 1 10 ? -1.323  8.656   -12.519 1.00 0.00 ? 10 G   A "H5''" 1 
ATOM   318 H  "H4'"  . G   A 1 10 ? -2.151  6.199   -12.633 1.00 0.00 ? 10 G   A "H4'"  1 
ATOM   319 H  "H3'"  . G   A 1 10 ? -2.973  8.139   -10.412 1.00 0.00 ? 10 G   A "H3'"  1 
ATOM   320 H  "H2'"  . G   A 1 10 ? -4.302  6.372   -9.481  1.00 0.00 ? 10 G   A "H2'"  1 
ATOM   321 H  "HO2'" . G   A 1 10 ? -4.343  4.364   -11.042 1.00 0.00 ? 10 G   A "HO2'" 1 
ATOM   322 H  "H1'"  . G   A 1 10 ? -2.567  4.249   -10.130 1.00 0.00 ? 10 G   A "H1'"  1 
ATOM   323 H  H8     . G   A 1 10 ? -0.460  6.916   -8.576  1.00 0.00 ? 10 G   A H8     1 
ATOM   324 H  H1     . G   A 1 10 ? -4.028  3.755   -4.275  1.00 0.00 ? 10 G   A H1     1 
ATOM   325 H  H21    . G   A 1 10 ? -5.611  2.590   -5.314  1.00 0.00 ? 10 G   A H21    1 
ATOM   326 H  H22    . G   A 1 10 ? -5.649  2.440   -7.057  1.00 0.00 ? 10 G   A H22    1 
ATOM   327 P  P      . U   A 1 11 ? -5.298  8.631   -11.851 1.00 0.00 ? 11 U   A P      1 
ATOM   328 O  OP1    . U   A 1 11 ? -5.826  9.081   -13.158 1.00 0.00 ? 11 U   A OP1    1 
ATOM   329 O  OP2    . U   A 1 11 ? -4.865  9.628   -10.846 1.00 0.00 ? 11 U   A OP2    1 
ATOM   330 O  "O5'"  . U   A 1 11 ? -6.396  7.671   -11.167 1.00 0.00 ? 11 U   A "O5'"  1 
ATOM   331 C  "C5'"  . U   A 1 11 ? -7.423  7.069   -11.959 1.00 0.00 ? 11 U   A "C5'"  1 
ATOM   332 C  "C4'"  . U   A 1 11 ? -8.394  6.260   -11.102 1.00 0.00 ? 11 U   A "C4'"  1 
ATOM   333 O  "O4'"  . U   A 1 11 ? -7.652  5.476   -10.161 1.00 0.00 ? 11 U   A "O4'"  1 
ATOM   334 C  "C3'"  . U   A 1 11 ? -9.326  7.090   -10.238 1.00 0.00 ? 11 U   A "C3'"  1 
ATOM   335 O  "O3'"  . U   A 1 11 ? -10.528 7.299   -10.984 1.00 0.00 ? 11 U   A "O3'"  1 
ATOM   336 C  "C2'"  . U   A 1 11 ? -9.661  6.139   -9.101  1.00 0.00 ? 11 U   A "C2'"  1 
ATOM   337 O  "O2'"  . U   A 1 11 ? -10.668 5.208   -9.503  1.00 0.00 ? 11 U   A "O2'"  1 
ATOM   338 C  "C1'"  . U   A 1 11 ? -8.326  5.431   -8.889  1.00 0.00 ? 11 U   A "C1'"  1 
ATOM   339 N  N1     . U   A 1 11 ? -7.484  6.119   -7.884  1.00 0.00 ? 11 U   A N1     1 
ATOM   340 C  C2     . U   A 1 11 ? -7.668  5.789   -6.552  1.00 0.00 ? 11 U   A C2     1 
ATOM   341 O  O2     . U   A 1 11 ? -8.488  4.950   -6.187  1.00 0.00 ? 11 U   A O2     1 
ATOM   342 N  N3     . U   A 1 11 ? -6.870  6.461   -5.646  1.00 0.00 ? 11 U   A N3     1 
ATOM   343 C  C4     . U   A 1 11 ? -5.919  7.417   -5.951  1.00 0.00 ? 11 U   A C4     1 
ATOM   344 O  O4     . U   A 1 11 ? -5.271  7.948   -5.052  1.00 0.00 ? 11 U   A O4     1 
ATOM   345 C  C5     . U   A 1 11 ? -5.785  7.705   -7.360  1.00 0.00 ? 11 U   A C5     1 
ATOM   346 C  C6     . U   A 1 11 ? -6.560  7.056   -8.266  1.00 0.00 ? 11 U   A C6     1 
ATOM   347 H  "H5'"  . U   A 1 11 ? -6.964  6.408   -12.695 1.00 0.00 ? 11 U   A "H5'"  1 
ATOM   348 H  "H5''" . U   A 1 11 ? -7.976  7.851   -12.479 1.00 0.00 ? 11 U   A "H5''" 1 
ATOM   349 H  "H4'"  . U   A 1 11 ? -8.964  5.593   -11.750 1.00 0.00 ? 11 U   A "H4'"  1 
ATOM   350 H  "H3'"  . U   A 1 11 ? -8.886  8.029   -9.903  1.00 0.00 ? 11 U   A "H3'"  1 
ATOM   351 H  "H2'"  . U   A 1 11 ? -9.960  6.684   -8.207  1.00 0.00 ? 11 U   A "H2'"  1 
ATOM   352 H  "HO2'" . U   A 1 11 ? -10.694 4.513   -8.842  1.00 0.00 ? 11 U   A "HO2'" 1 
ATOM   353 H  "H1'"  . U   A 1 11 ? -8.477  4.390   -8.599  1.00 0.00 ? 11 U   A "H1'"  1 
ATOM   354 H  H3     . U   A 1 11 ? -6.994  6.233   -4.669  1.00 0.00 ? 11 U   A H3     1 
ATOM   355 H  H5     . U   A 1 11 ? -5.060  8.446   -7.698  1.00 0.00 ? 11 U   A H5     1 
ATOM   356 H  H6     . U   A 1 11 ? -6.449  7.291   -9.325  1.00 0.00 ? 11 U   A H6     1 
ATOM   357 P  P      . C   A 1 12 ? -11.293 8.714   -10.916 1.00 0.00 ? 12 C   A P      1 
ATOM   358 O  OP1    . C   A 1 12 ? -12.384 8.700   -11.916 1.00 0.00 ? 12 C   A OP1    1 
ATOM   359 O  OP2    . C   A 1 12 ? -10.279 9.792   -10.946 1.00 0.00 ? 12 C   A OP2    1 
ATOM   360 O  "O5'"  . C   A 1 12 ? -11.956 8.685   -9.448  1.00 0.00 ? 12 C   A "O5'"  1 
ATOM   361 C  "C5'"  . C   A 1 12 ? -12.955 7.715   -9.127  1.00 0.00 ? 12 C   A "C5'"  1 
ATOM   362 C  "C4'"  . C   A 1 12 ? -13.464 7.878   -7.698  1.00 0.00 ? 12 C   A "C4'"  1 
ATOM   363 O  "O4'"  . C   A 1 12 ? -12.498 7.346   -6.788  1.00 0.00 ? 12 C   A "O4'"  1 
ATOM   364 C  "C3'"  . C   A 1 12 ? -13.640 9.312   -7.237  1.00 0.00 ? 12 C   A "C3'"  1 
ATOM   365 O  "O3'"  . C   A 1 12 ? -14.985 9.694   -7.539  1.00 0.00 ? 12 C   A "O3'"  1 
ATOM   366 C  "C2'"  . C   A 1 12 ? -13.536 9.195   -5.724  1.00 0.00 ? 12 C   A "C2'"  1 
ATOM   367 O  "O2'"  . C   A 1 12 ? -14.786 8.783   -5.165  1.00 0.00 ? 12 C   A "O2'"  1 
ATOM   368 C  "C1'"  . C   A 1 12 ? -12.486 8.094   -5.560  1.00 0.00 ? 12 C   A "C1'"  1 
ATOM   369 N  N1     . C   A 1 12 ? -11.126 8.646   -5.356  1.00 0.00 ? 12 C   A N1     1 
ATOM   370 C  C2     . C   A 1 12 ? -10.702 8.870   -4.052  1.00 0.00 ? 12 C   A C2     1 
ATOM   371 O  O2     . C   A 1 12 ? -11.441 8.604   -3.108  1.00 0.00 ? 12 C   A O2     1 
ATOM   372 N  N3     . C   A 1 12 ? -9.458  9.385   -3.849  1.00 0.00 ? 12 C   A N3     1 
ATOM   373 C  C4     . C   A 1 12 ? -8.658  9.671   -4.886  1.00 0.00 ? 12 C   A C4     1 
ATOM   374 N  N4     . C   A 1 12 ? -7.452  10.176  -4.623  1.00 0.00 ? 12 C   A N4     1 
ATOM   375 C  C5     . C   A 1 12 ? -9.089  9.444   -6.231  1.00 0.00 ? 12 C   A C5     1 
ATOM   376 C  C6     . C   A 1 12 ? -10.321 8.934   -6.419  1.00 0.00 ? 12 C   A C6     1 
ATOM   377 H  "H5'"  . C   A 1 12 ? -12.530 6.717   -9.241  1.00 0.00 ? 12 C   A "H5'"  1 
ATOM   378 H  "H5''" . C   A 1 12 ? -13.792 7.825   -9.817  1.00 0.00 ? 12 C   A "H5''" 1 
ATOM   379 H  "H4'"  . C   A 1 12 ? -14.396 7.323   -7.589  1.00 0.00 ? 12 C   A "H4'"  1 
ATOM   380 H  "H3'"  . C   A 1 12 ? -12.914 10.000  -7.670  1.00 0.00 ? 12 C   A "H3'"  1 
ATOM   381 H  "H2'"  . C   A 1 12 ? -13.195 10.130  -5.281  1.00 0.00 ? 12 C   A "H2'"  1 
ATOM   382 H  "HO2'" . C   A 1 12 ? -14.601 8.079   -4.539  1.00 0.00 ? 12 C   A "HO2'" 1 
ATOM   383 H  "H1'"  . C   A 1 12 ? -12.745 7.428   -4.734  1.00 0.00 ? 12 C   A "H1'"  1 
ATOM   384 H  H41    . C   A 1 12 ? -7.171  10.339  -3.667  1.00 0.00 ? 12 C   A H41    1 
ATOM   385 H  H42    . C   A 1 12 ? -6.821  10.394  -5.380  1.00 0.00 ? 12 C   A H42    1 
ATOM   386 H  H5     . C   A 1 12 ? -8.447  9.673   -7.081  1.00 0.00 ? 12 C   A H5     1 
ATOM   387 H  H6     . C   A 1 12 ? -10.680 8.754   -7.433  1.00 0.00 ? 12 C   A H6     1 
ATOM   388 P  P      . U   A 1 13 ? -15.314 11.188  -8.045  1.00 0.00 ? 13 U   A P      1 
ATOM   389 O  OP1    . U   A 1 13 ? -16.783 11.358  -8.062  1.00 0.00 ? 13 U   A OP1    1 
ATOM   390 O  OP2    . U   A 1 13 ? -14.527 11.443  -9.272  1.00 0.00 ? 13 U   A OP2    1 
ATOM   391 O  "O5'"  . U   A 1 13 ? -14.713 12.102  -6.861  1.00 0.00 ? 13 U   A "O5'"  1 
ATOM   392 C  "C5'"  . U   A 1 13 ? -15.381 12.189  -5.599  1.00 0.00 ? 13 U   A "C5'"  1 
ATOM   393 C  "C4'"  . U   A 1 13 ? -14.554 12.959  -4.575  1.00 0.00 ? 13 U   A "C4'"  1 
ATOM   394 O  "O4'"  . U   A 1 13 ? -13.363 12.219  -4.280  1.00 0.00 ? 13 U   A "O4'"  1 
ATOM   395 C  "C3'"  . U   A 1 13 ? -14.041 14.307  -5.048  1.00 0.00 ? 13 U   A "C3'"  1 
ATOM   396 O  "O3'"  . U   A 1 13 ? -15.005 15.295  -4.668  1.00 0.00 ? 13 U   A "O3'"  1 
ATOM   397 C  "C2'"  . U   A 1 13 ? -12.807 14.517  -4.187  1.00 0.00 ? 13 U   A "C2'"  1 
ATOM   398 O  "O2'"  . U   A 1 13 ? -13.175 14.982  -2.886  1.00 0.00 ? 13 U   A "O2'"  1 
ATOM   399 C  "C1'"  . U   A 1 13 ? -12.239 13.101  -4.113  1.00 0.00 ? 13 U   A "C1'"  1 
ATOM   400 N  N1     . U   A 1 13 ? -11.263 12.833  -5.196  1.00 0.00 ? 13 U   A N1     1 
ATOM   401 C  C2     . U   A 1 13 ? -9.934  13.150  -4.964  1.00 0.00 ? 13 U   A C2     1 
ATOM   402 O  O2     . U   A 1 13 ? -9.548  13.637  -3.905  1.00 0.00 ? 13 U   A O2     1 
ATOM   403 N  N3     . U   A 1 13 ? -9.059  12.885  -6.001  1.00 0.00 ? 13 U   A N3     1 
ATOM   404 C  C4     . U   A 1 13 ? -9.390  12.341  -7.227  1.00 0.00 ? 13 U   A C4     1 
ATOM   405 O  O4     . U   A 1 13 ? -8.518  12.151  -8.071  1.00 0.00 ? 13 U   A O4     1 
ATOM   406 C  C5     . U   A 1 13 ? -10.794 12.038  -7.393  1.00 0.00 ? 13 U   A C5     1 
ATOM   407 C  C6     . U   A 1 13 ? -11.669 12.289  -6.387  1.00 0.00 ? 13 U   A C6     1 
ATOM   408 H  "H5'"  . U   A 1 13 ? -15.562 11.181  -5.223  1.00 0.00 ? 13 U   A "H5'"  1 
ATOM   409 H  "H5''" . U   A 1 13 ? -16.338 12.694  -5.736  1.00 0.00 ? 13 U   A "H5''" 1 
ATOM   410 H  "H4'"  . U   A 1 13 ? -15.138 13.071  -3.661  1.00 0.00 ? 13 U   A "H4'"  1 
ATOM   411 H  "H3'"  . U   A 1 13 ? -13.831 14.337  -6.118  1.00 0.00 ? 13 U   A "H3'"  1 
ATOM   412 H  "H2'"  . U   A 1 13 ? -12.105 15.197  -4.668  1.00 0.00 ? 13 U   A "H2'"  1 
ATOM   413 H  "HO2'" . U   A 1 13 ? -13.121 14.230  -2.290  1.00 0.00 ? 13 U   A "HO2'" 1 
ATOM   414 H  "H1'"  . U   A 1 13 ? -11.778 12.915  -3.141  1.00 0.00 ? 13 U   A "H1'"  1 
ATOM   415 H  H3     . U   A 1 13 ? -8.086  13.111  -5.848  1.00 0.00 ? 13 U   A H3     1 
ATOM   416 H  H5     . U   A 1 13 ? -11.149 11.605  -8.327  1.00 0.00 ? 13 U   A H5     1 
ATOM   417 H  H6     . U   A 1 13 ? -12.724 12.057  -6.532  1.00 0.00 ? 13 U   A H6     1 
ATOM   418 P  P      . U   A 1 14 ? -14.675 16.863  -4.839  1.00 0.00 ? 14 U   A P      1 
ATOM   419 O  OP1    . U   A 1 14 ? -15.912 17.550  -5.274  1.00 0.00 ? 14 U   A OP1    1 
ATOM   420 O  OP2    . U   A 1 14 ? -13.441 16.989  -5.647  1.00 0.00 ? 14 U   A OP2    1 
ATOM   421 O  "O5'"  . U   A 1 14 ? -14.341 17.338  -3.333  1.00 0.00 ? 14 U   A "O5'"  1 
ATOM   422 C  "C5'"  . U   A 1 14 ? -15.330 18.049  -2.580  1.00 0.00 ? 14 U   A "C5'"  1 
ATOM   423 C  "C4'"  . U   A 1 14 ? -14.940 18.218  -1.108  1.00 0.00 ? 14 U   A "C4'"  1 
ATOM   424 O  "O4'"  . U   A 1 14 ? -15.561 17.176  -0.337  1.00 0.00 ? 14 U   A "O4'"  1 
ATOM   425 C  "C3'"  . U   A 1 14 ? -13.447 18.096  -0.819  1.00 0.00 ? 14 U   A "C3'"  1 
ATOM   426 O  "O3'"  . U   A 1 14 ? -13.161 18.947  0.294   1.00 0.00 ? 14 U   A "O3'"  1 
ATOM   427 C  "C2'"  . U   A 1 14 ? -13.284 16.663  -0.335  1.00 0.00 ? 14 U   A "C2'"  1 
ATOM   428 O  "O2'"  . U   A 1 14 ? -12.164 16.549  0.545   1.00 0.00 ? 14 U   A "O2'"  1 
ATOM   429 C  "C1'"  . U   A 1 14 ? -14.584 16.462  0.425   1.00 0.00 ? 14 U   A "C1'"  1 
ATOM   430 N  N1     . U   A 1 14 ? -14.987 15.035  0.496   1.00 0.00 ? 14 U   A N1     1 
ATOM   431 C  C2     . U   A 1 14 ? -14.904 14.389  1.722   1.00 0.00 ? 14 U   A C2     1 
ATOM   432 O  O2     . U   A 1 14 ? -14.507 14.954  2.740   1.00 0.00 ? 14 U   A O2     1 
ATOM   433 N  N3     . U   A 1 14 ? -15.296 13.065  1.737   1.00 0.00 ? 14 U   A N3     1 
ATOM   434 C  C4     . U   A 1 14 ? -15.755 12.340  0.655   1.00 0.00 ? 14 U   A C4     1 
ATOM   435 O  O4     . U   A 1 14 ? -16.078 11.163  0.796   1.00 0.00 ? 14 U   A O4     1 
ATOM   436 C  C5     . U   A 1 14 ? -15.812 13.080  -0.585  1.00 0.00 ? 14 U   A C5     1 
ATOM   437 C  C6     . U   A 1 14 ? -15.433 14.380  -0.622  1.00 0.00 ? 14 U   A C6     1 
ATOM   438 H  "H5'"  . U   A 1 14 ? -16.265 17.499  -2.634  1.00 0.00 ? 14 U   A "H5'"  1 
ATOM   439 H  "H5''" . U   A 1 14 ? -15.472 19.033  -3.031  1.00 0.00 ? 14 U   A "H5''" 1 
ATOM   440 H  "H4'"  . U   A 1 14 ? -15.314 19.180  -0.750  1.00 0.00 ? 14 U   A "H4'"  1 
ATOM   441 H  "H3'"  . U   A 1 14 ? -12.824 18.338  -1.675  1.00 0.00 ? 14 U   A "H3'"  1 
ATOM   442 H  "H2'"  . U   A 1 14 ? -13.205 15.969  -1.171  1.00 0.00 ? 14 U   A "H2'"  1 
ATOM   443 H  "HO2'" . U   A 1 14 ? -12.153 15.648  0.876   1.00 0.00 ? 14 U   A "HO2'" 1 
ATOM   444 H  "H1'"  . U   A 1 14 ? -14.524 16.893  1.428   1.00 0.00 ? 14 U   A "H1'"  1 
ATOM   445 H  H3     . U   A 1 14 ? -15.241 12.582  2.623   1.00 0.00 ? 14 U   A H3     1 
ATOM   446 H  H5     . U   A 1 14 ? -16.163 12.590  -1.494  1.00 0.00 ? 14 U   A H5     1 
ATOM   447 H  H6     . U   A 1 14 ? -15.481 14.922  -1.567  1.00 0.00 ? 14 U   A H6     1 
ATOM   448 P  P      . C   A 1 15 ? -11.742 19.703  0.401   1.00 0.00 ? 15 C   A P      1 
ATOM   449 O  OP1    . C   A 1 15 ? -11.557 20.145  1.801   1.00 0.00 ? 15 C   A OP1    1 
ATOM   450 O  OP2    . C   A 1 15 ? -11.656 20.687  -0.701  1.00 0.00 ? 15 C   A OP2    1 
ATOM   451 O  "O5'"  . C   A 1 15 ? -10.688 18.521  0.102   1.00 0.00 ? 15 C   A "O5'"  1 
ATOM   452 C  "C5'"  . C   A 1 15 ? -10.003 17.870  1.175   1.00 0.00 ? 15 C   A "C5'"  1 
ATOM   453 C  "C4'"  . C   A 1 15 ? -8.763  17.130  0.681   1.00 0.00 ? 15 C   A "C4'"  1 
ATOM   454 O  "O4'"  . C   A 1 15 ? -9.050  16.531  -0.592  1.00 0.00 ? 15 C   A "O4'"  1 
ATOM   455 C  "C3'"  . C   A 1 15 ? -7.555  18.022  0.431   1.00 0.00 ? 15 C   A "C3'"  1 
ATOM   456 O  "O3'"  . C   A 1 15 ? -6.394  17.197  0.557   1.00 0.00 ? 15 C   A "O3'"  1 
ATOM   457 C  "C2'"  . C   A 1 15 ? -7.684  18.397  -1.036  1.00 0.00 ? 15 C   A "C2'"  1 
ATOM   458 O  "O2'"  . C   A 1 15 ? -6.401  18.688  -1.595  1.00 0.00 ? 15 C   A "O2'"  1 
ATOM   459 C  "C1'"  . C   A 1 15 ? -8.251  17.116  -1.632  1.00 0.00 ? 15 C   A "C1'"  1 
ATOM   460 N  N1     . C   A 1 15 ? -9.106  17.381  -2.808  1.00 0.00 ? 15 C   A N1     1 
ATOM   461 C  C2     . C   A 1 15 ? -8.476  17.738  -3.992  1.00 0.00 ? 15 C   A C2     1 
ATOM   462 O  O2     . C   A 1 15 ? -7.251  17.817  -4.041  1.00 0.00 ? 15 C   A O2     1 
ATOM   463 N  N3     . C   A 1 15 ? -9.243  17.993  -5.087  1.00 0.00 ? 15 C   A N3     1 
ATOM   464 C  C4     . C   A 1 15 ? -10.578 17.904  -5.024  1.00 0.00 ? 15 C   A C4     1 
ATOM   465 N  N4     . C   A 1 15 ? -11.273 18.165  -6.130  1.00 0.00 ? 15 C   A N4     1 
ATOM   466 C  C5     . C   A 1 15 ? -11.233 17.538  -3.806  1.00 0.00 ? 15 C   A C5     1 
ATOM   467 C  C6     . C   A 1 15 ? -10.464 17.286  -2.731  1.00 0.00 ? 15 C   A C6     1 
ATOM   468 H  "H5'"  . C   A 1 15 ? -10.680 17.158  1.648   1.00 0.00 ? 15 C   A "H5'"  1 
ATOM   469 H  "H5''" . C   A 1 15 ? -9.701  18.616  1.910   1.00 0.00 ? 15 C   A "H5''" 1 
ATOM   470 H  "H4'"  . C   A 1 15 ? -8.513  16.342  1.393   1.00 0.00 ? 15 C   A "H4'"  1 
ATOM   471 H  "H3'"  . C   A 1 15 ? -7.513  18.885  1.097   1.00 0.00 ? 15 C   A "H3'"  1 
ATOM   472 H  "H2'"  . C   A 1 15 ? -8.374  19.230  -1.170  1.00 0.00 ? 15 C   A "H2'"  1 
ATOM   473 H  "HO2'" . C   A 1 15 ? -6.319  19.643  -1.642  1.00 0.00 ? 15 C   A "HO2'" 1 
ATOM   474 H  "H1'"  . C   A 1 15 ? -7.453  16.428  -1.911  1.00 0.00 ? 15 C   A "H1'"  1 
ATOM   475 H  H41    . C   A 1 15 ? -10.791 18.424  -6.981  1.00 0.00 ? 15 C   A H41    1 
ATOM   476 H  H42    . C   A 1 15 ? -12.282 18.105  -6.120  1.00 0.00 ? 15 C   A H42    1 
ATOM   477 H  H5     . C   A 1 15 ? -12.318 17.465  -3.742  1.00 0.00 ? 15 C   A H5     1 
ATOM   478 H  H6     . C   A 1 15 ? -10.931 16.999  -1.789  1.00 0.00 ? 15 C   A H6     1 
ATOM   479 P  P      . G   A 1 16 ? -5.406  17.366  1.816   1.00 0.00 ? 16 G   A P      1 
ATOM   480 O  OP1    . G   A 1 16 ? -6.226  17.650  3.014   1.00 0.00 ? 16 G   A OP1    1 
ATOM   481 O  OP2    . G   A 1 16 ? -4.320  18.294  1.429   1.00 0.00 ? 16 G   A OP2    1 
ATOM   482 O  "O5'"  . G   A 1 16 ? -4.776  15.893  1.973   1.00 0.00 ? 16 G   A "O5'"  1 
ATOM   483 C  "C5'"  . G   A 1 16 ? -5.621  14.743  2.068   1.00 0.00 ? 16 G   A "C5'"  1 
ATOM   484 C  "C4'"  . G   A 1 16 ? -6.468  14.772  3.340   1.00 0.00 ? 16 G   A "C4'"  1 
ATOM   485 O  "O4'"  . G   A 1 16 ? -7.745  15.343  3.042   1.00 0.00 ? 16 G   A "O4'"  1 
ATOM   486 C  "C3'"  . G   A 1 16 ? -6.804  13.410  3.923   1.00 0.00 ? 16 G   A "C3'"  1 
ATOM   487 O  "O3'"  . G   A 1 16 ? -5.794  13.106  4.887   1.00 0.00 ? 16 G   A "O3'"  1 
ATOM   488 C  "C2'"  . G   A 1 16 ? -8.094  13.664  4.686   1.00 0.00 ? 16 G   A "C2'"  1 
ATOM   489 O  "O2'"  . G   A 1 16 ? -7.816  14.191  5.986   1.00 0.00 ? 16 G   A "O2'"  1 
ATOM   490 C  "C1'"  . G   A 1 16 ? -8.782  14.718  3.816   1.00 0.00 ? 16 G   A "C1'"  1 
ATOM   491 N  N9     . G   A 1 16 ? -9.766  14.124  2.891   1.00 0.00 ? 16 G   A N9     1 
ATOM   492 C  C8     . G   A 1 16 ? -11.040 13.693  3.160   1.00 0.00 ? 16 G   A C8     1 
ATOM   493 N  N7     . G   A 1 16 ? -11.663 13.219  2.118   1.00 0.00 ? 16 G   A N7     1 
ATOM   494 C  C5     . G   A 1 16 ? -10.739 13.344  1.086   1.00 0.00 ? 16 G   A C5     1 
ATOM   495 C  C6     . G   A 1 16 ? -10.853 12.992  -0.286  1.00 0.00 ? 16 G   A C6     1 
ATOM   496 O  O6     . G   A 1 16 ? -11.813 12.493  -0.868  1.00 0.00 ? 16 G   A O6     1 
ATOM   497 N  N1     . G   A 1 16 ? -9.692  13.281  -0.986  1.00 0.00 ? 16 G   A N1     1 
ATOM   498 C  C2     . G   A 1 16 ? -8.559  13.840  -0.439  1.00 0.00 ? 16 G   A C2     1 
ATOM   499 N  N2     . G   A 1 16 ? -7.529  14.048  -1.261  1.00 0.00 ? 16 G   A N2     1 
ATOM   500 N  N3     . G   A 1 16 ? -8.442  14.176  0.850   1.00 0.00 ? 16 G   A N3     1 
ATOM   501 C  C4     . G   A 1 16 ? -9.570  13.898  1.550   1.00 0.00 ? 16 G   A C4     1 
ATOM   502 H  "H5'"  . G   A 1 16 ? -4.998  13.847  2.070   1.00 0.00 ? 16 G   A "H5'"  1 
ATOM   503 H  "H5''" . G   A 1 16 ? -6.281  14.715  1.200   1.00 0.00 ? 16 G   A "H5''" 1 
ATOM   504 H  "H4'"  . G   A 1 16 ? -5.968  15.395  4.082   1.00 0.00 ? 16 G   A "H4'"  1 
ATOM   505 H  "H3'"  . G   A 1 16 ? -6.892  12.627  3.169   1.00 0.00 ? 16 G   A "H3'"  1 
ATOM   506 H  "H2'"  . G   A 1 16 ? -8.694  12.756  4.750   1.00 0.00 ? 16 G   A "H2'"  1 
ATOM   507 H  "HO2'" . G   A 1 16 ? -8.560  13.966  6.551   1.00 0.00 ? 16 G   A "HO2'" 1 
ATOM   508 H  "H1'"  . G   A 1 16 ? -9.275  15.469  4.432   1.00 0.00 ? 16 G   A "H1'"  1 
ATOM   509 H  H8     . G   A 1 16 ? -11.489 13.743  4.151   1.00 0.00 ? 16 G   A H8     1 
ATOM   510 H  H1     . G   A 1 16 ? -9.683  13.063  -1.971  1.00 0.00 ? 16 G   A H1     1 
ATOM   511 H  H21    . G   A 1 16 ? -7.606  13.804  -2.238  1.00 0.00 ? 16 G   A H21    1 
ATOM   512 H  H22    . G   A 1 16 ? -6.673  14.450  -0.905  1.00 0.00 ? 16 G   A H22    1 
ATOM   513 P  P      . G   A 1 17 ? -4.557  12.150  4.502   1.00 0.00 ? 17 G   A P      1 
ATOM   514 O  OP1    . G   A 1 17 ? -3.341  12.679  5.159   1.00 0.00 ? 17 G   A OP1    1 
ATOM   515 O  OP2    . G   A 1 17 ? -4.571  11.940  3.037   1.00 0.00 ? 17 G   A OP2    1 
ATOM   516 O  "O5'"  . G   A 1 17 ? -4.952  10.760  5.216   1.00 0.00 ? 17 G   A "O5'"  1 
ATOM   517 C  "C5'"  . G   A 1 17 ? -5.981  10.706  6.212   1.00 0.00 ? 17 G   A "C5'"  1 
ATOM   518 C  "C4'"  . G   A 1 17 ? -7.215  9.961   5.708   1.00 0.00 ? 17 G   A "C4'"  1 
ATOM   519 O  "O4'"  . G   A 1 17 ? -7.809  10.692  4.632   1.00 0.00 ? 17 G   A "O4'"  1 
ATOM   520 C  "C3'"  . G   A 1 17 ? -6.937  8.597   5.107   1.00 0.00 ? 17 G   A "C3'"  1 
ATOM   521 O  "O3'"  . G   A 1 17 ? -7.021  7.640   6.164   1.00 0.00 ? 17 G   A "O3'"  1 
ATOM   522 C  "C2'"  . G   A 1 17 ? -8.140  8.382   4.204   1.00 0.00 ? 17 G   A "C2'"  1 
ATOM   523 O  "O2'"  . G   A 1 17 ? -9.265  7.931   4.963   1.00 0.00 ? 17 G   A "O2'"  1 
ATOM   524 C  "C1'"  . G   A 1 17 ? -8.385  9.791   3.666   1.00 0.00 ? 17 G   A "C1'"  1 
ATOM   525 N  N9     . G   A 1 17 ? -7.728  10.011  2.363   1.00 0.00 ? 17 G   A N9     1 
ATOM   526 C  C8     . G   A 1 17 ? -6.393  10.168  2.094   1.00 0.00 ? 17 G   A C8     1 
ATOM   527 N  N7     . G   A 1 17 ? -6.132  10.348  0.829   1.00 0.00 ? 17 G   A N7     1 
ATOM   528 C  C5     . G   A 1 17 ? -7.381  10.307  0.219   1.00 0.00 ? 17 G   A C5     1 
ATOM   529 C  C6     . G   A 1 17 ? -7.728  10.443  -1.153  1.00 0.00 ? 17 G   A C6     1 
ATOM   530 O  O6     . G   A 1 17 ? -6.985  10.631  -2.113  1.00 0.00 ? 17 G   A O6     1 
ATOM   531 N  N1     . G   A 1 17 ? -9.097  10.337  -1.345  1.00 0.00 ? 17 G   A N1     1 
ATOM   532 C  C2     . G   A 1 17 ? -10.021 10.127  -0.347  1.00 0.00 ? 17 G   A C2     1 
ATOM   533 N  N2     . G   A 1 17 ? -11.299 10.047  -0.713  1.00 0.00 ? 17 G   A N2     1 
ATOM   534 N  N3     . G   A 1 17 ? -9.705  9.999   0.945   1.00 0.00 ? 17 G   A N3     1 
ATOM   535 C  C4     . G   A 1 17 ? -8.368  10.100  1.151   1.00 0.00 ? 17 G   A C4     1 
ATOM   536 H  "H5'"  . G   A 1 17 ? -6.269  11.719  6.491   1.00 0.00 ? 17 G   A "H5'"  1 
ATOM   537 H  "H5''" . G   A 1 17 ? -5.594  10.192  7.092   1.00 0.00 ? 17 G   A "H5''" 1 
ATOM   538 H  "H4'"  . G   A 1 17 ? -7.935  9.882   6.523   1.00 0.00 ? 17 G   A "H4'"  1 
ATOM   539 H  "H3'"  . G   A 1 17 ? -5.984  8.542   4.581   1.00 0.00 ? 17 G   A "H3'"  1 
ATOM   540 H  "H2'"  . G   A 1 17 ? -7.906  7.690   3.396   1.00 0.00 ? 17 G   A "H2'"  1 
ATOM   541 H  "HO2'" . G   A 1 17 ? -10.028 8.439   4.671   1.00 0.00 ? 17 G   A "HO2'" 1 
ATOM   542 H  "H1'"  . G   A 1 17 ? -9.451  9.995   3.571   1.00 0.00 ? 17 G   A "H1'"  1 
ATOM   543 H  H8     . G   A 1 17 ? -5.623  10.137  2.864   1.00 0.00 ? 17 G   A H8     1 
ATOM   544 H  H1     . G   A 1 17 ? -9.436  10.425  -2.292  1.00 0.00 ? 17 G   A H1     1 
ATOM   545 H  H21    . G   A 1 17 ? -11.545 10.063  -1.693  1.00 0.00 ? 17 G   A H21    1 
ATOM   546 H  H22    . G   A 1 17 ? -12.022 9.966   -0.012  1.00 0.00 ? 17 G   A H22    1 
ATOM   547 P  P      . A   A 1 18 ? -6.138  6.295   6.115   1.00 0.00 ? 18 A   A P      1 
ATOM   548 O  OP1    . A   A 1 18 ? -6.279  5.599   7.413   1.00 0.00 ? 18 A   A OP1    1 
ATOM   549 O  OP2    . A   A 1 18 ? -4.794  6.640   5.603   1.00 0.00 ? 18 A   A OP2    1 
ATOM   550 O  "O5'"  . A   A 1 18 ? -6.896  5.423   4.992   1.00 0.00 ? 18 A   A "O5'"  1 
ATOM   551 C  "C5'"  . A   A 1 18 ? -8.261  5.042   5.175   1.00 0.00 ? 18 A   A "C5'"  1 
ATOM   552 C  "C4'"  . A   A 1 18 ? -8.864  4.470   3.896   1.00 0.00 ? 18 A   A "C4'"  1 
ATOM   553 O  "O4'"  . A   A 1 18 ? -9.046  5.518   2.942   1.00 0.00 ? 18 A   A "O4'"  1 
ATOM   554 C  "C3'"  . A   A 1 18 ? -7.988  3.475   3.162   1.00 0.00 ? 18 A   A "C3'"  1 
ATOM   555 O  "O3'"  . A   A 1 18 ? -8.297  2.177   3.675   1.00 0.00 ? 18 A   A "O3'"  1 
ATOM   556 C  "C2'"  . A   A 1 18 ? -8.525  3.535   1.741   1.00 0.00 ? 18 A   A "C2'"  1 
ATOM   557 O  "O2'"  . A   A 1 18 ? -9.662  2.680   1.597   1.00 0.00 ? 18 A   A "O2'"  1 
ATOM   558 C  "C1'"  . A   A 1 18 ? -8.936  5.004   1.604   1.00 0.00 ? 18 A   A "C1'"  1 
ATOM   559 N  N9     . A   A 1 18 ? -7.932  5.794   0.866   1.00 0.00 ? 18 A   A N9     1 
ATOM   560 C  C8     . A   A 1 18 ? -6.753  6.327   1.322   1.00 0.00 ? 18 A   A C8     1 
ATOM   561 N  N7     . A   A 1 18 ? -6.076  6.960   0.404   1.00 0.00 ? 18 A   A N7     1 
ATOM   562 C  C5     . A   A 1 18 ? -6.864  6.837   -0.735  1.00 0.00 ? 18 A   A C5     1 
ATOM   563 C  C6     . A   A 1 18 ? -6.706  7.290   -2.054  1.00 0.00 ? 18 A   A C6     1 
ATOM   564 N  N6     . A   A 1 18 ? -5.652  7.989   -2.473  1.00 0.00 ? 18 A   A N6     1 
ATOM   565 N  N1     . A   A 1 18 ? -7.674  6.994   -2.937  1.00 0.00 ? 18 A   A N1     1 
ATOM   566 C  C2     . A   A 1 18 ? -8.726  6.294   -2.531  1.00 0.00 ? 18 A   A C2     1 
ATOM   567 N  N3     . A   A 1 18 ? -8.990  5.811   -1.326  1.00 0.00 ? 18 A   A N3     1 
ATOM   568 C  C4     . A   A 1 18 ? -7.998  6.127   -0.466  1.00 0.00 ? 18 A   A C4     1 
ATOM   569 H  "H5'"  . A   A 1 18 ? -8.836  5.916   5.479   1.00 0.00 ? 18 A   A "H5'"  1 
ATOM   570 H  "H5''" . A   A 1 18 ? -8.317  4.288   5.960   1.00 0.00 ? 18 A   A "H5''" 1 
ATOM   571 H  "H4'"  . A   A 1 18 ? -9.833  4.029   4.128   1.00 0.00 ? 18 A   A "H4'"  1 
ATOM   572 H  "H3'"  . A   A 1 18 ? -6.923  3.699   3.234   1.00 0.00 ? 18 A   A "H3'"  1 
ATOM   573 H  "H2'"  . A   A 1 18 ? -7.749  3.282   1.022   1.00 0.00 ? 18 A   A "H2'"  1 
ATOM   574 H  "HO2'" . A   A 1 18 ? -10.443 3.217   1.740   1.00 0.00 ? 18 A   A "HO2'" 1 
ATOM   575 H  "H1'"  . A   A 1 18 ? -9.899  5.090   1.103   1.00 0.00 ? 18 A   A "H1'"  1 
ATOM   576 H  H8     . A   A 1 18 ? -6.410  6.227   2.352   1.00 0.00 ? 18 A   A H8     1 
ATOM   577 H  H61    . A   A 1 18 ? -5.625  8.349   -3.416  1.00 0.00 ? 18 A   A H61    1 
ATOM   578 H  H62    . A   A 1 18 ? -4.879  8.159   -1.846  1.00 0.00 ? 18 A   A H62    1 
ATOM   579 H  H2     . A   A 1 18 ? -9.476  6.087   -3.294  1.00 0.00 ? 18 A   A H2     1 
ATOM   580 P  P      . C   A 1 19 ? -7.399  0.904   3.267   1.00 0.00 ? 19 C   A P      1 
ATOM   581 O  OP1    . C   A 1 19 ? -8.002  -0.302  3.878   1.00 0.00 ? 19 C   A OP1    1 
ATOM   582 O  OP2    . C   A 1 19 ? -5.981  1.234   3.531   1.00 0.00 ? 19 C   A OP2    1 
ATOM   583 O  "O5'"  . C   A 1 19 ? -7.609  0.820   1.673   1.00 0.00 ? 19 C   A "O5'"  1 
ATOM   584 C  "C5'"  . C   A 1 19 ? -8.796  0.235   1.130   1.00 0.00 ? 19 C   A "C5'"  1 
ATOM   585 C  "C4'"  . C   A 1 19 ? -8.831  0.336   -0.393  1.00 0.00 ? 19 C   A "C4'"  1 
ATOM   586 O  "O4'"  . C   A 1 19 ? -8.610  1.691   -0.785  1.00 0.00 ? 19 C   A "O4'"  1 
ATOM   587 C  "C3'"  . C   A 1 19 ? -7.737  -0.427  -1.113  1.00 0.00 ? 19 C   A "C3'"  1 
ATOM   588 O  "O3'"  . C   A 1 19 ? -8.239  -1.738  -1.383  1.00 0.00 ? 19 C   A "O3'"  1 
ATOM   589 C  "C2'"  . C   A 1 19 ? -7.639  0.299   -2.445  1.00 0.00 ? 19 C   A "C2'"  1 
ATOM   590 O  "O2'"  . C   A 1 19 ? -8.632  -0.184  -3.353  1.00 0.00 ? 19 C   A "O2'"  1 
ATOM   591 C  "C1'"  . C   A 1 19 ? -7.932  1.748   -2.053  1.00 0.00 ? 19 C   A "C1'"  1 
ATOM   592 N  N1     . C   A 1 19 ? -6.691  2.544   -1.888  1.00 0.00 ? 19 C   A N1     1 
ATOM   593 C  C2     . C   A 1 19 ? -6.303  3.383   -2.927  1.00 0.00 ? 19 C   A C2     1 
ATOM   594 O  O2     . C   A 1 19 ? -6.977  3.447   -3.953  1.00 0.00 ? 19 C   A O2     1 
ATOM   595 N  N3     . C   A 1 19 ? -5.168  4.122   -2.785  1.00 0.00 ? 19 C   A N3     1 
ATOM   596 C  C4     . C   A 1 19 ? -4.439  4.042   -1.664  1.00 0.00 ? 19 C   A C4     1 
ATOM   597 N  N4     . C   A 1 19 ? -3.340  4.794   -1.581  1.00 0.00 ? 19 C   A N4     1 
ATOM   598 C  C5     . C   A 1 19 ? -4.829  3.181   -0.591  1.00 0.00 ? 19 C   A C5     1 
ATOM   599 C  C6     . C   A 1 19 ? -5.952  2.455   -0.744  1.00 0.00 ? 19 C   A C6     1 
ATOM   600 H  "H5'"  . C   A 1 19 ? -9.664  0.752   1.539   1.00 0.00 ? 19 C   A "H5'"  1 
ATOM   601 H  "H5''" . C   A 1 19 ? -8.839  -0.814  1.418   1.00 0.00 ? 19 C   A "H5''" 1 
ATOM   602 H  "H4'"  . C   A 1 19 ? -9.813  0.020   -0.745  1.00 0.00 ? 19 C   A "H4'"  1 
ATOM   603 H  "H3'"  . C   A 1 19 ? -6.795  -0.457  -0.564  1.00 0.00 ? 19 C   A "H3'"  1 
ATOM   604 H  "H2'"  . C   A 1 19 ? -6.641  0.207   -2.869  1.00 0.00 ? 19 C   A "H2'"  1 
ATOM   605 H  "HO2'" . C   A 1 19 ? -9.357  0.445   -3.345  1.00 0.00 ? 19 C   A "HO2'" 1 
ATOM   606 H  "H1'"  . C   A 1 19 ? -8.588  2.221   -2.787  1.00 0.00 ? 19 C   A "H1'"  1 
ATOM   607 H  H41    . C   A 1 19 ? -3.041  5.340   -2.376  1.00 0.00 ? 19 C   A H41    1 
ATOM   608 H  H42    . C   A 1 19 ? -2.808  4.817   -0.723  1.00 0.00 ? 19 C   A H42    1 
ATOM   609 H  H5     . C   A 1 19 ? -4.242  3.109   0.325   1.00 0.00 ? 19 C   A H5     1 
ATOM   610 H  H6     . C   A 1 19 ? -6.272  1.783   0.052   1.00 0.00 ? 19 C   A H6     1 
ATOM   611 P  P      . C   A 1 20 ? -7.239  -2.997  -1.461  1.00 0.00 ? 20 C   A P      1 
ATOM   612 O  OP1    . C   A 1 20 ? -8.036  -4.233  -1.296  1.00 0.00 ? 20 C   A OP1    1 
ATOM   613 O  OP2    . C   A 1 20 ? -6.093  -2.734  -0.562  1.00 0.00 ? 20 C   A OP2    1 
ATOM   614 O  "O5'"  . C   A 1 20 ? -6.710  -2.937  -2.982  1.00 0.00 ? 20 C   A "O5'"  1 
ATOM   615 C  "C5'"  . C   A 1 20 ? -7.636  -2.887  -4.070  1.00 0.00 ? 20 C   A "C5'"  1 
ATOM   616 C  "C4'"  . C   A 1 20 ? -6.920  -2.832  -5.417  1.00 0.00 ? 20 C   A "C4'"  1 
ATOM   617 O  "O4'"  . C   A 1 20 ? -6.463  -1.499  -5.656  1.00 0.00 ? 20 C   A "O4'"  1 
ATOM   618 C  "C3'"  . C   A 1 20 ? -5.659  -3.670  -5.507  1.00 0.00 ? 20 C   A "C3'"  1 
ATOM   619 O  "O3'"  . C   A 1 20 ? -6.040  -4.957  -6.000  1.00 0.00 ? 20 C   A "O3'"  1 
ATOM   620 C  "C2'"  . C   A 1 20 ? -4.873  -2.980  -6.612  1.00 0.00 ? 20 C   A "C2'"  1 
ATOM   621 O  "O2'"  . C   A 1 20 ? -5.330  -3.410  -7.896  1.00 0.00 ? 20 C   A "O2'"  1 
ATOM   622 C  "C1'"  . C   A 1 20 ? -5.221  -1.508  -6.383  1.00 0.00 ? 20 C   A "C1'"  1 
ATOM   623 N  N1     . C   A 1 20 ? -4.197  -0.810  -5.573  1.00 0.00 ? 20 C   A N1     1 
ATOM   624 C  C2     . C   A 1 20 ? -3.155  -0.176  -6.239  1.00 0.00 ? 20 C   A C2     1 
ATOM   625 O  O2     . C   A 1 20 ? -3.098  -0.205  -7.466  1.00 0.00 ? 20 C   A O2     1 
ATOM   626 N  N3     . C   A 1 20 ? -2.207  0.471   -5.505  1.00 0.00 ? 20 C   A N3     1 
ATOM   627 C  C4     . C   A 1 20 ? -2.277  0.496   -4.168  1.00 0.00 ? 20 C   A C4     1 
ATOM   628 N  N4     . C   A 1 20 ? -1.322  1.149   -3.506  1.00 0.00 ? 20 C   A N4     1 
ATOM   629 C  C5     . C   A 1 20 ? -3.346  -0.154  -3.475  1.00 0.00 ? 20 C   A C5     1 
ATOM   630 C  C6     . C   A 1 20 ? -4.278  -0.790  -4.210  1.00 0.00 ? 20 C   A C6     1 
ATOM   631 H  "H5'"  . C   A 1 20 ? -8.262  -2.002  -3.964  1.00 0.00 ? 20 C   A "H5'"  1 
ATOM   632 H  "H5''" . C   A 1 20 ? -8.269  -3.776  -4.040  1.00 0.00 ? 20 C   A "H5''" 1 
ATOM   633 H  "H4'"  . C   A 1 20 ? -7.623  -3.113  -6.201  1.00 0.00 ? 20 C   A "H4'"  1 
ATOM   634 H  "H3'"  . C   A 1 20 ? -5.115  -3.739  -4.565  1.00 0.00 ? 20 C   A "H3'"  1 
ATOM   635 H  "H2'"  . C   A 1 20 ? -3.804  -3.151  -6.496  1.00 0.00 ? 20 C   A "H2'"  1 
ATOM   636 H  "HO2'" . C   A 1 20 ? -5.712  -2.645  -8.334  1.00 0.00 ? 20 C   A "HO2'" 1 
ATOM   637 H  "H1'"  . C   A 1 20 ? -5.359  -0.989  -7.333  1.00 0.00 ? 20 C   A "H1'"  1 
ATOM   638 H  H41    . C   A 1 20 ? -0.545  1.554   -4.009  1.00 0.00 ? 20 C   A H41    1 
ATOM   639 H  H42    . C   A 1 20 ? -1.374  1.238   -2.501  1.00 0.00 ? 20 C   A H42    1 
ATOM   640 H  H5     . C   A 1 20 ? -3.412  -0.140  -2.387  1.00 0.00 ? 20 C   A H5     1 
ATOM   641 H  H6     . C   A 1 20 ? -5.102  -1.300  -3.713  1.00 0.00 ? 20 C   A H6     1 
ATOM   642 P  P      . G   A 1 21 ? -5.114  -6.245  -5.719  1.00 0.00 ? 21 G   A P      1 
ATOM   643 O  OP1    . G   A 1 21 ? -5.795  -7.435  -6.274  1.00 0.00 ? 21 G   A OP1    1 
ATOM   644 O  OP2    . G   A 1 21 ? -4.710  -6.223  -4.294  1.00 0.00 ? 21 G   A OP2    1 
ATOM   645 O  "O5'"  . G   A 1 21 ? -3.812  -5.943  -6.617  1.00 0.00 ? 21 G   A "O5'"  1 
ATOM   646 C  "C5'"  . G   A 1 21 ? -3.920  -5.855  -8.040  1.00 0.00 ? 21 G   A "C5'"  1 
ATOM   647 C  "C4'"  . G   A 1 21 ? -2.555  -5.674  -8.696  1.00 0.00 ? 21 G   A "C4'"  1 
ATOM   648 O  "O4'"  . G   A 1 21 ? -2.122  -4.323  -8.526  1.00 0.00 ? 21 G   A "O4'"  1 
ATOM   649 C  "C3'"  . G   A 1 21 ? -1.437  -6.492  -8.081  1.00 0.00 ? 21 G   A "C3'"  1 
ATOM   650 O  "O3'"  . G   A 1 21 ? -1.386  -7.736  -8.784  1.00 0.00 ? 21 G   A "O3'"  1 
ATOM   651 C  "C2'"  . G   A 1 21 ? -0.191  -5.708  -8.464  1.00 0.00 ? 21 G   A "C2'"  1 
ATOM   652 O  "O2'"  . G   A 1 21 ? 0.228   -6.048  -9.788  1.00 0.00 ? 21 G   A "O2'"  1 
ATOM   653 C  "C1'"  . G   A 1 21 ? -0.689  -4.261  -8.414  1.00 0.00 ? 21 G   A "C1'"  1 
ATOM   654 N  N9     . G   A 1 21 ? -0.342  -3.596  -7.144  1.00 0.00 ? 21 G   A N9     1 
ATOM   655 C  C8     . G   A 1 21 ? -0.989  -3.667  -5.936  1.00 0.00 ? 21 G   A C8     1 
ATOM   656 N  N7     . G   A 1 21 ? -0.426  -2.956  -4.998  1.00 0.00 ? 21 G   A N7     1 
ATOM   657 C  C5     . G   A 1 21 ? 0.670   -2.376  -5.627  1.00 0.00 ? 21 G   A C5     1 
ATOM   658 C  C6     . G   A 1 21 ? 1.660   -1.498  -5.108  1.00 0.00 ? 21 G   A C6     1 
ATOM   659 O  O6     . G   A 1 21 ? 1.762   -1.052  -3.967  1.00 0.00 ? 21 G   A O6     1 
ATOM   660 N  N1     . G   A 1 21 ? 2.589   -1.146  -6.074  1.00 0.00 ? 21 G   A N1     1 
ATOM   661 C  C2     . G   A 1 21 ? 2.575   -1.583  -7.379  1.00 0.00 ? 21 G   A C2     1 
ATOM   662 N  N2     . G   A 1 21 ? 3.552   -1.145  -8.175  1.00 0.00 ? 21 G   A N2     1 
ATOM   663 N  N3     . G   A 1 21 ? 1.650   -2.408  -7.879  1.00 0.00 ? 21 G   A N3     1 
ATOM   664 C  C4     . G   A 1 21 ? 0.731   -2.762  -6.945  1.00 0.00 ? 21 G   A C4     1 
ATOM   665 H  "H5'"  . G   A 1 21 ? -4.553  -5.006  -8.296  1.00 0.00 ? 21 G   A "H5'"  1 
ATOM   666 H  "H5''" . G   A 1 21 ? -4.378  -6.768  -8.418  1.00 0.00 ? 21 G   A "H5''" 1 
ATOM   667 H  "H4'"  . G   A 1 21 ? -2.645  -5.887  -9.761  1.00 0.00 ? 21 G   A "H4'"  1 
ATOM   668 H  "H3'"  . G   A 1 21 ? -1.546  -6.636  -7.006  1.00 0.00 ? 21 G   A "H3'"  1 
ATOM   669 H  "H2'"  . G   A 1 21 ? 0.610   -5.871  -7.743  1.00 0.00 ? 21 G   A "H2'"  1 
ATOM   670 H  "HO2'" . G   A 1 21 ? -0.045  -5.332  -10.366 1.00 0.00 ? 21 G   A "HO2'" 1 
ATOM   671 H  "H1'"  . G   A 1 21 ? -0.287  -3.682  -9.245  1.00 0.00 ? 21 G   A "H1'"  1 
ATOM   672 H  H8     . G   A 1 21 ? -1.886  -4.262  -5.774  1.00 0.00 ? 21 G   A H8     1 
ATOM   673 H  H1     . G   A 1 21 ? 3.331   -0.522  -5.792  1.00 0.00 ? 21 G   A H1     1 
ATOM   674 H  H21    . G   A 1 21 ? 4.287   -0.564  -7.798  1.00 0.00 ? 21 G   A H21    1 
ATOM   675 H  H22    . G   A 1 21 ? 3.557   -1.395  -9.153  1.00 0.00 ? 21 G   A H22    1 
ATOM   676 P  P      . G   A 1 22 ? -0.460  -8.939  -8.247  1.00 0.00 ? 22 G   A P      1 
ATOM   677 O  OP1    . G   A 1 22 ? -0.397  -9.979  -9.297  1.00 0.00 ? 22 G   A OP1    1 
ATOM   678 O  OP2    . G   A 1 22 ? -0.909  -9.294  -6.882  1.00 0.00 ? 22 G   A OP2    1 
ATOM   679 O  "O5'"  . G   A 1 22 ? 0.987   -8.244  -8.137  1.00 0.00 ? 22 G   A "O5'"  1 
ATOM   680 C  "C5'"  . G   A 1 22 ? 1.809   -8.093  -9.297  1.00 0.00 ? 22 G   A "C5'"  1 
ATOM   681 C  "C4'"  . G   A 1 22 ? 3.276   -7.908  -8.924  1.00 0.00 ? 22 G   A "C4'"  1 
ATOM   682 O  "O4'"  . G   A 1 22 ? 3.507   -6.537  -8.583  1.00 0.00 ? 22 G   A "O4'"  1 
ATOM   683 C  "C3'"  . G   A 1 22 ? 3.721   -8.669  -7.690  1.00 0.00 ? 22 G   A "C3'"  1 
ATOM   684 O  "O3'"  . G   A 1 22 ? 4.221   -9.934  -8.128  1.00 0.00 ? 22 G   A "O3'"  1 
ATOM   685 C  "C2'"  . G   A 1 22 ? 4.910   -7.860  -7.201  1.00 0.00 ? 22 G   A "C2'"  1 
ATOM   686 O  "O2'"  . G   A 1 22 ? 6.090   -8.213  -7.929  1.00 0.00 ? 22 G   A "O2'"  1 
ATOM   687 C  "C1'"  . G   A 1 22 ? 4.483   -6.430  -7.532  1.00 0.00 ? 22 G   A "C1'"  1 
ATOM   688 N  N9     . G   A 1 22 ? 3.863   -5.750  -6.378  1.00 0.00 ? 22 G   A N9     1 
ATOM   689 C  C8     . G   A 1 22 ? 2.661   -6.014  -5.771  1.00 0.00 ? 22 G   A C8     1 
ATOM   690 N  N7     . G   A 1 22 ? 2.398   -5.228  -4.765  1.00 0.00 ? 22 G   A N7     1 
ATOM   691 C  C5     . G   A 1 22 ? 3.500   -4.384  -4.698  1.00 0.00 ? 22 G   A C5     1 
ATOM   692 C  C6     . G   A 1 22 ? 3.779   -3.320  -3.798  1.00 0.00 ? 22 G   A C6     1 
ATOM   693 O  O6     . G   A 1 22 ? 3.090   -2.906  -2.869  1.00 0.00 ? 22 G   A O6     1 
ATOM   694 N  N1     . G   A 1 22 ? 5.000   -2.725  -4.074  1.00 0.00 ? 22 G   A N1     1 
ATOM   695 C  C2     . G   A 1 22 ? 5.851   -3.102  -5.088  1.00 0.00 ? 22 G   A C2     1 
ATOM   696 N  N2     . G   A 1 22 ? 6.987   -2.416  -5.210  1.00 0.00 ? 22 G   A N2     1 
ATOM   697 N  N3     . G   A 1 22 ? 5.599   -4.101  -5.939  1.00 0.00 ? 22 G   A N3     1 
ATOM   698 C  C4     . G   A 1 22 ? 4.407   -4.695  -5.682  1.00 0.00 ? 22 G   A C4     1 
ATOM   699 H  "H5'"  . G   A 1 22 ? 1.473   -7.224  -9.861  1.00 0.00 ? 22 G   A "H5'"  1 
ATOM   700 H  "H5''" . G   A 1 22 ? 1.709   -8.982  -9.920  1.00 0.00 ? 22 G   A "H5''" 1 
ATOM   701 H  "H4'"  . G   A 1 22 ? 3.897   -8.170  -9.780  1.00 0.00 ? 22 G   A "H4'"  1 
ATOM   702 H  "H3'"  . G   A 1 22 ? 2.935   -8.780  -6.942  1.00 0.00 ? 22 G   A "H3'"  1 
ATOM   703 H  "H2'"  . G   A 1 22 ? 5.055   -7.987  -6.129  1.00 0.00 ? 22 G   A "H2'"  1 
ATOM   704 H  "HO2'" . G   A 1 22 ? 6.269   -7.500  -8.546  1.00 0.00 ? 22 G   A "HO2'" 1 
ATOM   705 H  "H1'"  . G   A 1 22 ? 5.331   -5.842  -7.885  1.00 0.00 ? 22 G   A "H1'"  1 
ATOM   706 H  H8     . G   A 1 22 ? 1.991   -6.808  -6.098  1.00 0.00 ? 22 G   A H8     1 
ATOM   707 H  H1     . G   A 1 22 ? 5.281   -1.956  -3.482  1.00 0.00 ? 22 G   A H1     1 
ATOM   708 H  H21    . G   A 1 22 ? 7.201   -1.673  -4.559  1.00 0.00 ? 22 G   A H21    1 
ATOM   709 H  H22    . G   A 1 22 ? 7.635   -2.639  -5.952  1.00 0.00 ? 22 G   A H22    1 
ATOM   710 P  P      . C   A 1 23 ? 4.538   -11.098 -7.061  1.00 0.00 ? 23 C   A P      1 
ATOM   711 O  OP1    . C   A 1 23 ? 4.959   -12.305 -7.806  1.00 0.00 ? 23 C   A OP1    1 
ATOM   712 O  OP2    . C   A 1 23 ? 3.409   -11.174 -6.108  1.00 0.00 ? 23 C   A OP2    1 
ATOM   713 O  "O5'"  . C   A 1 23 ? 5.821   -10.518 -6.278  1.00 0.00 ? 23 C   A "O5'"  1 
ATOM   714 C  "C5'"  . C   A 1 23 ? 7.141   -10.880 -6.687  1.00 0.00 ? 23 C   A "C5'"  1 
ATOM   715 C  "C4'"  . C   A 1 23 ? 8.202   -10.024 -5.997  1.00 0.00 ? 23 C   A "C4'"  1 
ATOM   716 O  "O4'"  . C   A 1 23 ? 7.705   -8.695  -5.822  1.00 0.00 ? 23 C   A "O4'"  1 
ATOM   717 C  "C3'"  . C   A 1 23 ? 8.558   -10.454 -4.589  1.00 0.00 ? 23 C   A "C3'"  1 
ATOM   718 O  "O3'"  . C   A 1 23 ? 9.627   -11.396 -4.688  1.00 0.00 ? 23 C   A "O3'"  1 
ATOM   719 C  "C2'"  . C   A 1 23 ? 9.133   -9.181  -3.990  1.00 0.00 ? 23 C   A "C2'"  1 
ATOM   720 O  "O2'"  . C   A 1 23 ? 10.500  -9.018  -4.377  1.00 0.00 ? 23 C   A "O2'"  1 
ATOM   721 C  "C1'"  . C   A 1 23 ? 8.260   -8.102  -4.633  1.00 0.00 ? 23 C   A "C1'"  1 
ATOM   722 N  N1     . C   A 1 23 ? 7.147   -7.686  -3.746  1.00 0.00 ? 23 C   A N1     1 
ATOM   723 C  C2     . C   A 1 23 ? 7.324   -6.551  -2.962  1.00 0.00 ? 23 C   A C2     1 
ATOM   724 O  O2     . C   A 1 23 ? 8.375   -5.917  -3.026  1.00 0.00 ? 23 C   A O2     1 
ATOM   725 N  N3     . C   A 1 23 ? 6.317   -6.162  -2.135  1.00 0.00 ? 23 C   A N3     1 
ATOM   726 C  C4     . C   A 1 23 ? 5.174   -6.858  -2.075  1.00 0.00 ? 23 C   A C4     1 
ATOM   727 N  N4     . C   A 1 23 ? 4.224   -6.428  -1.245  1.00 0.00 ? 23 C   A N4     1 
ATOM   728 C  C5     . C   A 1 23 ? 4.983   -8.027  -2.877  1.00 0.00 ? 23 C   A C5     1 
ATOM   729 C  C6     . C   A 1 23 ? 5.988   -8.402  -3.693  1.00 0.00 ? 23 C   A C6     1 
ATOM   730 H  "H5'"  . C   A 1 23 ? 7.224   -10.751 -7.768  1.00 0.00 ? 23 C   A "H5'"  1 
ATOM   731 H  "H5''" . C   A 1 23 ? 7.315   -11.927 -6.440  1.00 0.00 ? 23 C   A "H5''" 1 
ATOM   732 H  "H4'"  . C   A 1 23 ? 9.096   -9.989  -6.622  1.00 0.00 ? 23 C   A "H4'"  1 
ATOM   733 H  "H3'"  . C   A 1 23 ? 7.712   -10.854 -4.029  1.00 0.00 ? 23 C   A "H3'"  1 
ATOM   734 H  "H2'"  . C   A 1 23 ? 9.026   -9.171  -2.910  1.00 0.00 ? 23 C   A "H2'"  1 
ATOM   735 H  "HO2'" . C   A 1 23 ? 10.507  -8.513  -5.193  1.00 0.00 ? 23 C   A "HO2'" 1 
ATOM   736 H  "H1'"  . C   A 1 23 ? 8.862   -7.237  -4.912  1.00 0.00 ? 23 C   A "H1'"  1 
ATOM   737 H  H41    . C   A 1 23 ? 4.394   -5.624  -0.657  1.00 0.00 ? 23 C   A H41    1 
ATOM   738 H  H42    . C   A 1 23 ? 3.335   -6.904  -1.204  1.00 0.00 ? 23 C   A H42    1 
ATOM   739 H  H5     . C   A 1 23 ? 4.058   -8.601  -2.837  1.00 0.00 ? 23 C   A H5     1 
ATOM   740 H  H6     . C   A 1 23 ? 5.872   -9.289  -4.316  1.00 0.00 ? 23 C   A H6     1 
ATOM   741 P  P      . U   A 1 24 ? 9.803   -12.549 -3.578  1.00 0.00 ? 24 U   A P      1 
ATOM   742 O  OP1    . U   A 1 24 ? 10.827  -13.504 -4.059  1.00 0.00 ? 24 U   A OP1    1 
ATOM   743 O  OP2    . U   A 1 24 ? 8.458   -13.039 -3.201  1.00 0.00 ? 24 U   A OP2    1 
ATOM   744 O  "O5'"  . U   A 1 24 ? 10.415  -11.743 -2.325  1.00 0.00 ? 24 U   A "O5'"  1 
ATOM   745 C  "C5'"  . U   A 1 24 ? 11.827  -11.548 -2.209  1.00 0.00 ? 24 U   A "C5'"  1 
ATOM   746 C  "C4'"  . U   A 1 24 ? 12.169  -10.545 -1.112  1.00 0.00 ? 24 U   A "C4'"  1 
ATOM   747 O  "O4'"  . U   A 1 24 ? 11.278  -9.431  -1.191  1.00 0.00 ? 24 U   A "O4'"  1 
ATOM   748 C  "C3'"  . U   A 1 24 ? 11.984  -11.058 0.304   1.00 0.00 ? 24 U   A "C3'"  1 
ATOM   749 O  "O3'"  . U   A 1 24 ? 13.234  -11.614 0.719   1.00 0.00 ? 24 U   A "O3'"  1 
ATOM   750 C  "C2'"  . U   A 1 24 ? 11.775  -9.782  1.102   1.00 0.00 ? 24 U   A "C2'"  1 
ATOM   751 O  "O2'"  . U   A 1 24 ? 13.032  -9.177  1.421   1.00 0.00 ? 24 U   A "O2'"  1 
ATOM   752 C  "C1'"  . U   A 1 24 ? 10.993  -8.911  0.120   1.00 0.00 ? 24 U   A "C1'"  1 
ATOM   753 N  N1     . U   A 1 24 ? 9.533   -8.985  0.355   1.00 0.00 ? 24 U   A N1     1 
ATOM   754 C  C2     . U   A 1 24 ? 8.987   -8.133  1.300   1.00 0.00 ? 24 U   A C2     1 
ATOM   755 O  O2     . U   A 1 24 ? 9.666   -7.325  1.930   1.00 0.00 ? 24 U   A O2     1 
ATOM   756 N  N3     . U   A 1 24 ? 7.624   -8.241  1.496   1.00 0.00 ? 24 U   A N3     1 
ATOM   757 C  C4     . U   A 1 24 ? 6.772   -9.111  0.842   1.00 0.00 ? 24 U   A C4     1 
ATOM   758 O  O4     . U   A 1 24 ? 5.572   -9.113  1.105   1.00 0.00 ? 24 U   A O4     1 
ATOM   759 C  C5     . U   A 1 24 ? 7.416   -9.967  -0.129  1.00 0.00 ? 24 U   A C5     1 
ATOM   760 C  C6     . U   A 1 24 ? 8.754   -9.876  -0.336  1.00 0.00 ? 24 U   A C6     1 
ATOM   761 H  "H5'"  . U   A 1 24 ? 12.213  -11.180 -3.160  1.00 0.00 ? 24 U   A "H5'"  1 
ATOM   762 H  "H5''" . U   A 1 24 ? 12.299  -12.502 -1.979  1.00 0.00 ? 24 U   A "H5''" 1 
ATOM   763 H  "H4'"  . U   A 1 24 ? 13.190  -10.193 -1.261  1.00 0.00 ? 24 U   A "H4'"  1 
ATOM   764 H  "H3'"  . U   A 1 24 ? 11.167  -11.771 0.403   1.00 0.00 ? 24 U   A "H3'"  1 
ATOM   765 H  "H2'"  . U   A 1 24 ? 11.191  -9.973  2.000   1.00 0.00 ? 24 U   A "H2'"  1 
ATOM   766 H  "HO2'" . U   A 1 24 ? 12.873  -8.238  1.548   1.00 0.00 ? 24 U   A "HO2'" 1 
ATOM   767 H  "H1'"  . U   A 1 24 ? 11.323  -7.873  0.175   1.00 0.00 ? 24 U   A "H1'"  1 
ATOM   768 H  H3     . U   A 1 24 ? 7.210   -7.626  2.183   1.00 0.00 ? 24 U   A H3     1 
ATOM   769 H  H5     . U   A 1 24 ? 6.826   -10.687 -0.695  1.00 0.00 ? 24 U   A H5     1 
ATOM   770 H  H6     . U   A 1 24 ? 9.222   -10.533 -1.069  1.00 0.00 ? 24 U   A H6     1 
ATOM   771 P  P      . U   A 1 25 ? 13.283  -12.758 1.850   1.00 0.00 ? 25 U   A P      1 
ATOM   772 O  OP1    . U   A 1 25 ? 14.632  -13.368 1.834   1.00 0.00 ? 25 U   A OP1    1 
ATOM   773 O  OP2    . U   A 1 25 ? 12.084  -13.612 1.699   1.00 0.00 ? 25 U   A OP2    1 
ATOM   774 O  "O5'"  . U   A 1 25 ? 13.130  -11.912 3.212   1.00 0.00 ? 25 U   A "O5'"  1 
ATOM   775 C  "C5'"  . U   A 1 25 ? 14.283  -11.351 3.848   1.00 0.00 ? 25 U   A "C5'"  1 
ATOM   776 C  "C4'"  . U   A 1 25 ? 13.901  -10.482 5.042   1.00 0.00 ? 25 U   A "C4'"  1 
ATOM   777 O  "O4'"  . U   A 1 25 ? 12.823  -9.615  4.674   1.00 0.00 ? 25 U   A "O4'"  1 
ATOM   778 C  "C3'"  . U   A 1 25 ? 13.367  -11.245 6.241   1.00 0.00 ? 25 U   A "C3'"  1 
ATOM   779 O  "O3'"  . U   A 1 25 ? 14.478  -11.529 7.093   1.00 0.00 ? 25 U   A "O3'"  1 
ATOM   780 C  "C2'"  . U   A 1 25 ? 12.513  -10.205 6.945   1.00 0.00 ? 25 U   A "C2'"  1 
ATOM   781 O  "O2'"  . U   A 1 25 ? 13.329  -9.323  7.719   1.00 0.00 ? 25 U   A "O2'"  1 
ATOM   782 C  "C1'"  . U   A 1 25 ? 11.892  -9.466  5.762   1.00 0.00 ? 25 U   A "C1'"  1 
ATOM   783 N  N1     . U   A 1 25 ? 10.594  -10.052 5.358   1.00 0.00 ? 25 U   A N1     1 
ATOM   784 C  C2     . U   A 1 25 ? 9.457   -9.622  6.021   1.00 0.00 ? 25 U   A C2     1 
ATOM   785 O  O2     . U   A 1 25 ? 9.494   -8.779  6.915   1.00 0.00 ? 25 U   A O2     1 
ATOM   786 N  N3     . U   A 1 25 ? 8.267   -10.196 5.619   1.00 0.00 ? 25 U   A N3     1 
ATOM   787 C  C4     . U   A 1 25 ? 8.116   -11.147 4.627   1.00 0.00 ? 25 U   A C4     1 
ATOM   788 O  O4     . U   A 1 25 ? 6.999   -11.585 4.359   1.00 0.00 ? 25 U   A O4     1 
ATOM   789 C  C5     . U   A 1 25 ? 9.347   -11.544 3.982   1.00 0.00 ? 25 U   A C5     1 
ATOM   790 C  C6     . U   A 1 25 ? 10.527  -10.993 4.363   1.00 0.00 ? 25 U   A C6     1 
ATOM   791 H  "H5'"  . U   A 1 25 ? 14.826  -10.743 3.125   1.00 0.00 ? 25 U   A "H5'"  1 
ATOM   792 H  "H5''" . U   A 1 25 ? 14.929  -12.159 4.189   1.00 0.00 ? 25 U   A "H5''" 1 
ATOM   793 H  "H4'"  . U   A 1 25 ? 14.762  -9.877  5.327   1.00 0.00 ? 25 U   A "H4'"  1 
ATOM   794 H  "H3'"  . U   A 1 25 ? 12.818  -12.147 5.972   1.00 0.00 ? 25 U   A "H3'"  1 
ATOM   795 H  "H2'"  . U   A 1 25 ? 11.746  -10.675 7.559   1.00 0.00 ? 25 U   A "H2'"  1 
ATOM   796 H  "HO2'" . U   A 1 25 ? 13.509  -8.551  7.177   1.00 0.00 ? 25 U   A "HO2'" 1 
ATOM   797 H  "H1'"  . U   A 1 25 ? 11.767  -8.406  5.987   1.00 0.00 ? 25 U   A "H1'"  1 
ATOM   798 H  H3     . U   A 1 25 ? 7.428   -9.893  6.095   1.00 0.00 ? 25 U   A H3     1 
ATOM   799 H  H5     . U   A 1 25 ? 9.327   -12.290 3.187   1.00 0.00 ? 25 U   A H5     1 
ATOM   800 H  H6     . U   A 1 25 ? 11.445  -11.308 3.869   1.00 0.00 ? 25 U   A H6     1 
ATOM   801 P  P      . C   A 1 26 ? 14.609  -12.965 7.809   1.00 0.00 ? 26 C   A P      1 
ATOM   802 O  OP1    . C   A 1 26 ? 15.987  -13.099 8.333   1.00 0.00 ? 26 C   A OP1    1 
ATOM   803 O  OP2    . C   A 1 26 ? 14.065  -13.991 6.893   1.00 0.00 ? 26 C   A OP2    1 
ATOM   804 O  "O5'"  . C   A 1 26 ? 13.606  -12.823 9.062   1.00 0.00 ? 26 C   A "O5'"  1 
ATOM   805 C  "C5'"  . C   A 1 26 ? 13.805  -11.794 10.033  1.00 0.00 ? 26 C   A "C5'"  1 
ATOM   806 C  "C4'"  . C   A 1 26 ? 12.594  -11.641 10.947  1.00 0.00 ? 26 C   A "C4'"  1 
ATOM   807 O  "O4'"  . C   A 1 26 ? 11.460  -11.249 10.173  1.00 0.00 ? 26 C   A "O4'"  1 
ATOM   808 C  "C3'"  . C   A 1 26 ? 12.143  -12.919 11.628  1.00 0.00 ? 26 C   A "C3'"  1 
ATOM   809 O  "O3'"  . C   A 1 26 ? 12.820  -12.984 12.885  1.00 0.00 ? 26 C   A "O3'"  1 
ATOM   810 C  "C2'"  . C   A 1 26 ? 10.672  -12.657 11.923  1.00 0.00 ? 26 C   A "C2'"  1 
ATOM   811 O  "O2'"  . C   A 1 26 ? 10.528  -11.964 13.166  1.00 0.00 ? 26 C   A "O2'"  1 
ATOM   812 C  "C1'"  . C   A 1 26 ? 10.249  -11.757 10.756  1.00 0.00 ? 26 C   A "C1'"  1 
ATOM   813 N  N1     . C   A 1 26 ? 9.491   -12.497 9.722   1.00 0.00 ? 26 C   A N1     1 
ATOM   814 C  C2     . C   A 1 26 ? 8.141   -12.724 9.951   1.00 0.00 ? 26 C   A C2     1 
ATOM   815 O  O2     . C   A 1 26 ? 7.612   -12.316 10.983  1.00 0.00 ? 26 C   A O2     1 
ATOM   816 N  N3     . C   A 1 26 ? 7.422   -13.400 9.012   1.00 0.00 ? 26 C   A N3     1 
ATOM   817 C  C4     . C   A 1 26 ? 8.007   -13.838 7.890   1.00 0.00 ? 26 C   A C4     1 
ATOM   818 N  N4     . C   A 1 26 ? 7.249   -14.488 7.006   1.00 0.00 ? 26 C   A N4     1 
ATOM   819 C  C5     . C   A 1 26 ? 9.398   -13.609 7.647   1.00 0.00 ? 26 C   A C5     1 
ATOM   820 C  C6     . C   A 1 26 ? 10.098  -12.941 8.582   1.00 0.00 ? 26 C   A C6     1 
ATOM   821 H  "H5'"  . C   A 1 26 ? 13.983  -10.849 9.518   1.00 0.00 ? 26 C   A "H5'"  1 
ATOM   822 H  "H5''" . C   A 1 26 ? 14.677  -12.040 10.637  1.00 0.00 ? 26 C   A "H5''" 1 
ATOM   823 H  "H4'"  . C   A 1 26 ? 12.803  -10.868 11.686  1.00 0.00 ? 26 C   A "H4'"  1 
ATOM   824 H  "H3'"  . C   A 1 26 ? 12.312  -13.812 11.028  1.00 0.00 ? 26 C   A "H3'"  1 
ATOM   825 H  "H2'"  . C   A 1 26 ? 10.104  -13.587 11.924  1.00 0.00 ? 26 C   A "H2'"  1 
ATOM   826 H  "HO2'" . C   A 1 26 ? 9.824   -12.398 13.654  1.00 0.00 ? 26 C   A "HO2'" 1 
ATOM   827 H  "H1'"  . C   A 1 26 ? 9.649   -10.918 11.114  1.00 0.00 ? 26 C   A "H1'"  1 
ATOM   828 H  H41    . C   A 1 26 ? 6.254   -14.572 7.160   1.00 0.00 ? 26 C   A H41    1 
ATOM   829 H  H42    . C   A 1 26 ? 7.669   -14.894 6.183   1.00 0.00 ? 26 C   A H42    1 
ATOM   830 H  H5     . C   A 1 26 ? 9.883   -13.961 6.736   1.00 0.00 ? 26 C   A H5     1 
ATOM   831 H  H6     . C   A 1 26 ? 11.161  -12.754 8.429   1.00 0.00 ? 26 C   A H6     1 
ATOM   832 P  P      . C   A 1 27 ? 12.945  -14.382 13.674  1.00 0.00 ? 27 C   A P      1 
ATOM   833 O  OP1    . C   A 1 27 ? 13.557  -14.118 14.995  1.00 0.00 ? 27 C   A OP1    1 
ATOM   834 O  OP2    . C   A 1 27 ? 13.557  -15.375 12.762  1.00 0.00 ? 27 C   A OP2    1 
ATOM   835 O  "O5'"  . C   A 1 27 ? 11.405  -14.794 13.905  1.00 0.00 ? 27 C   A "O5'"  1 
ATOM   836 C  "C5'"  . C   A 1 27 ? 10.921  -16.066 13.468  1.00 0.00 ? 27 C   A "C5'"  1 
ATOM   837 C  "C4'"  . C   A 1 27 ? 9.530   -16.357 14.024  1.00 0.00 ? 27 C   A "C4'"  1 
ATOM   838 O  "O4'"  . C   A 1 27 ? 8.554   -15.700 13.209  1.00 0.00 ? 27 C   A "O4'"  1 
ATOM   839 C  "C3'"  . C   A 1 27 ? 9.127   -17.823 13.992  1.00 0.00 ? 27 C   A "C3'"  1 
ATOM   840 O  "O3'"  . C   A 1 27 ? 9.578   -18.494 15.172  1.00 0.00 ? 27 C   A "O3'"  1 
ATOM   841 C  "C2'"  . C   A 1 27 ? 7.609   -17.721 13.979  1.00 0.00 ? 27 C   A "C2'"  1 
ATOM   842 O  "O2'"  . C   A 1 27 ? 7.113   -17.460 15.295  1.00 0.00 ? 27 C   A "O2'"  1 
ATOM   843 C  "C1'"  . C   A 1 27 ? 7.379   -16.515 13.070  1.00 0.00 ? 27 C   A "C1'"  1 
ATOM   844 N  N1     . C   A 1 27 ? 7.221   -16.899 11.650  1.00 0.00 ? 27 C   A N1     1 
ATOM   845 C  C2     . C   A 1 27 ? 6.127   -17.683 11.318  1.00 0.00 ? 27 C   A C2     1 
ATOM   846 O  O2     . C   A 1 27 ? 5.333   -18.034 12.188  1.00 0.00 ? 27 C   A O2     1 
ATOM   847 N  N3     . C   A 1 27 ? 5.955   -18.053 10.018  1.00 0.00 ? 27 C   A N3     1 
ATOM   848 C  C4     . C   A 1 27 ? 6.827   -17.665 9.078   1.00 0.00 ? 27 C   A C4     1 
ATOM   849 N  N4     . C   A 1 27 ? 6.607   -18.058 7.823   1.00 0.00 ? 27 C   A N4     1 
ATOM   850 C  C5     . C   A 1 27 ? 7.959   -16.856 9.412   1.00 0.00 ? 27 C   A C5     1 
ATOM   851 C  C6     . C   A 1 27 ? 8.116   -16.498 10.700  1.00 0.00 ? 27 C   A C6     1 
ATOM   852 H  "H5'"  . C   A 1 27 ? 11.608  -16.842 13.806  1.00 0.00 ? 27 C   A "H5'"  1 
ATOM   853 H  "H5''" . C   A 1 27 ? 10.879  -16.077 12.380  1.00 0.00 ? 27 C   A "H5''" 1 
ATOM   854 H  "H4'"  . C   A 1 27 ? 9.467   -15.963 15.038  1.00 0.00 ? 27 C   A "H4'"  1 
ATOM   855 H  "H3'"  . C   A 1 27 ? 9.496   -18.313 13.091  1.00 0.00 ? 27 C   A "H3'"  1 
ATOM   856 H  "HO3'" . C   A 1 27 ? 8.804   -18.863 15.603  1.00 0.00 ? 27 C   A "HO3'" 1 
ATOM   857 H  "H2'"  . C   A 1 27 ? 7.161   -18.621 13.560  1.00 0.00 ? 27 C   A "H2'"  1 
ATOM   858 H  "HO2'" . C   A 1 27 ? 6.465   -16.756 15.222  1.00 0.00 ? 27 C   A "HO2'" 1 
ATOM   859 H  "H1'"  . C   A 1 27 ? 6.506   -15.946 13.390  1.00 0.00 ? 27 C   A "H1'"  1 
ATOM   860 H  H41    . C   A 1 27 ? 5.817   -18.651 7.612   1.00 0.00 ? 27 C   A H41    1 
ATOM   861 H  H42    . C   A 1 27 ? 7.229   -17.762 7.084   1.00 0.00 ? 27 C   A H42    1 
ATOM   862 H  H5     . C   A 1 27 ? 8.674   -16.534 8.655   1.00 0.00 ? 27 C   A H5     1 
ATOM   863 H  H6     . C   A 1 27 ? 8.967   -15.880 10.988  1.00 0.00 ? 27 C   A H6     1 
HETATM 864 CO CO     . NCO B 2 .  ? 0.951   4.543   -0.538  1.00 0.00 ? 28 NCO A CO     1 
HETATM 865 N  N1     . NCO B 2 .  ? -0.485  3.169   -0.375  1.00 0.00 ? 28 NCO A N1     1 
HETATM 866 N  N2     . NCO B 2 .  ? 2.389   5.915   -0.701  1.00 0.00 ? 28 NCO A N2     1 
HETATM 867 N  N3     . NCO B 2 .  ? 2.258   3.279   0.279   1.00 0.00 ? 28 NCO A N3     1 
HETATM 868 N  N4     . NCO B 2 .  ? 1.416   3.849   -2.349  1.00 0.00 ? 28 NCO A N4     1 
HETATM 869 N  N5     . NCO B 2 .  ? -0.356  5.808   -1.354  1.00 0.00 ? 28 NCO A N5     1 
HETATM 870 N  N6     . NCO B 2 .  ? 0.486   5.239   1.273   1.00 0.00 ? 28 NCO A N6     1 
HETATM 871 H  HN11   . NCO B 2 .  ? -0.515  2.771   0.553   1.00 0.00 ? 28 NCO A HN11   1 
HETATM 872 H  HN12   . NCO B 2 .  ? -1.396  3.563   -0.563  1.00 0.00 ? 28 NCO A HN12   1 
HETATM 873 H  HN13   . NCO B 2 .  ? -0.347  2.409   -1.023  1.00 0.00 ? 28 NCO A HN13   1 
HETATM 874 H  HN21   . NCO B 2 .  ? 2.256   6.672   -0.046  1.00 0.00 ? 28 NCO A HN21   1 
HETATM 875 H  HN22   . NCO B 2 .  ? 3.300   5.519   -0.523  1.00 0.00 ? 28 NCO A HN22   1 
HETATM 876 H  HN23   . NCO B 2 .  ? 2.414   6.319   -1.625  1.00 0.00 ? 28 NCO A HN23   1 
HETATM 877 H  HN31   . NCO B 2 .  ? 2.866   3.745   0.937   1.00 0.00 ? 28 NCO A HN31   1 
HETATM 878 H  HN32   . NCO B 2 .  ? 1.793   2.533   0.775   1.00 0.00 ? 28 NCO A HN32   1 
HETATM 879 H  HN33   . NCO B 2 .  ? 2.847   2.852   -0.423  1.00 0.00 ? 28 NCO A HN33   1 
HETATM 880 H  HN41   . NCO B 2 .  ? 1.518   2.844   -2.346  1.00 0.00 ? 28 NCO A HN41   1 
HETATM 881 H  HN42   . NCO B 2 .  ? 0.705   4.077   -3.028  1.00 0.00 ? 28 NCO A HN42   1 
HETATM 882 H  HN43   . NCO B 2 .  ? 2.286   4.238   -2.681  1.00 0.00 ? 28 NCO A HN43   1 
HETATM 883 H  HN51   . NCO B 2 .  ? -0.965  5.342   -2.010  1.00 0.00 ? 28 NCO A HN51   1 
HETATM 884 H  HN52   . NCO B 2 .  ? -0.943  6.237   -0.653  1.00 0.00 ? 28 NCO A HN52   1 
HETATM 885 H  HN53   . NCO B 2 .  ? 0.109   6.552   -1.852  1.00 0.00 ? 28 NCO A HN53   1 
HETATM 886 H  HN61   . NCO B 2 .  ? 0.388   6.244   1.271   1.00 0.00 ? 28 NCO A HN61   1 
HETATM 887 H  HN62   . NCO B 2 .  ? -0.387  4.852   1.603   1.00 0.00 ? 28 NCO A HN62   1 
HETATM 888 H  HN63   . NCO B 2 .  ? 1.194   5.006   1.953   1.00 0.00 ? 28 NCO A HN63   1 
# 
